data_3GWE
#
_entry.id   3GWE
#
_cell.length_a   87.670
_cell.length_b   87.670
_cell.length_c   167.370
_cell.angle_alpha   90.00
_cell.angle_beta   90.00
_cell.angle_gamma   120.00
#
_symmetry.space_group_name_H-M   'P 31 2 1'
#
loop_
_entity.id
_entity.type
_entity.pdbx_description
1 polymer '3-oxoacyl-(Acyl-carrier-protein) synthase III'
2 water water
#
_entity_poly.entity_id   1
_entity_poly.type   'polypeptide(L)'
_entity_poly.pdbx_seq_one_letter_code
;MAHHHHHHMGTLEAQTQGPGSMTPAAHPPRAAIADIAGHLPEQVLTNDVLAQLYPDWPAEKILAKTGIRERRIAAPRETA
ADLAYEAARKLFAQGAVGADQVDFVILCTQAPDYVLPTSACMLQHRLGIPTHAGALDVNLGCSGYVYGLSLAKGLVETGA
ARCVLLLTADTYSKYLHPLDKSVRTLFGDGASATAVIAEHGELERIGPFVFGTDGRGAPNLIVKAGLFREPKSADSAREH
EDASGNVRTDEHLYMNGAEVMAFSLAEVPRAADRLLALAGEPRENIDCFVLHQANRFMLDALRKKMKIPEHKFPVLMEHC
GNTVSSTLPLALETMRANGTLARGMRLMLLGFGVGYSWAGCLVNF
;
_entity_poly.pdbx_strand_id   A,B
#
# COMPACT_ATOMS: atom_id res chain seq x y z
N ALA A 25 -5.11 35.09 -12.39
CA ALA A 25 -3.90 34.96 -13.27
C ALA A 25 -3.72 33.50 -13.73
N ALA A 26 -3.49 32.63 -12.76
CA ALA A 26 -3.47 31.18 -13.00
C ALA A 26 -3.77 30.52 -11.66
N HIS A 27 -4.44 29.37 -11.70
CA HIS A 27 -4.88 28.69 -10.48
C HIS A 27 -4.08 27.40 -10.31
N PRO A 28 -3.73 27.06 -9.04
CA PRO A 28 -2.95 25.86 -8.84
C PRO A 28 -3.74 24.59 -9.19
N PRO A 29 -3.03 23.46 -9.39
CA PRO A 29 -3.73 22.23 -9.71
C PRO A 29 -4.59 21.78 -8.52
N ARG A 30 -5.84 21.45 -8.78
CA ARG A 30 -6.73 20.93 -7.76
C ARG A 30 -7.13 19.52 -8.13
N ALA A 31 -6.91 18.57 -7.22
CA ALA A 31 -7.36 17.20 -7.42
C ALA A 31 -8.88 17.17 -7.40
N ALA A 32 -9.47 16.59 -8.44
CA ALA A 32 -10.91 16.45 -8.53
C ALA A 32 -11.25 15.07 -9.05
N ILE A 33 -12.44 14.60 -8.71
CA ILE A 33 -12.92 13.32 -9.18
C ILE A 33 -13.54 13.53 -10.56
N ALA A 34 -12.83 13.07 -11.59
CA ALA A 34 -13.30 13.22 -12.97
C ALA A 34 -14.46 12.27 -13.21
N ASP A 35 -14.32 11.03 -12.77
CA ASP A 35 -15.34 10.00 -13.00
C ASP A 35 -15.09 8.79 -12.10
N ILE A 36 -16.13 7.98 -11.92
CA ILE A 36 -16.08 6.76 -11.12
C ILE A 36 -16.81 5.65 -11.90
N ALA A 37 -16.26 4.45 -11.85
CA ALA A 37 -16.93 3.27 -12.41
C ALA A 37 -16.73 2.11 -11.45
N GLY A 38 -17.81 1.38 -11.21
CA GLY A 38 -17.76 0.19 -10.37
C GLY A 38 -17.86 -1.08 -11.18
N HIS A 39 -17.39 -2.18 -10.59
CA HIS A 39 -17.59 -3.50 -11.15
C HIS A 39 -17.89 -4.49 -10.03
N LEU A 40 -19.00 -5.19 -10.16
CA LEU A 40 -19.31 -6.30 -9.27
C LEU A 40 -19.20 -7.59 -10.06
N PRO A 41 -18.74 -8.68 -9.42
CA PRO A 41 -18.71 -9.98 -10.07
C PRO A 41 -20.11 -10.56 -10.31
N GLU A 42 -20.16 -11.63 -11.10
CA GLU A 42 -21.41 -12.17 -11.63
C GLU A 42 -22.27 -12.88 -10.58
N GLN A 43 -21.67 -13.80 -9.83
CA GLN A 43 -22.43 -14.61 -8.87
C GLN A 43 -23.12 -13.78 -7.80
N VAL A 44 -24.39 -14.10 -7.56
CA VAL A 44 -25.20 -13.40 -6.56
C VAL A 44 -25.44 -14.34 -5.41
N LEU A 45 -25.17 -13.86 -4.19
CA LEU A 45 -25.53 -14.56 -2.96
C LEU A 45 -26.71 -13.83 -2.34
N THR A 46 -27.90 -14.39 -2.51
CA THR A 46 -29.14 -13.76 -2.09
C THR A 46 -29.51 -14.15 -0.67
N ASN A 47 -30.41 -13.38 -0.07
CA ASN A 47 -30.91 -13.70 1.27
C ASN A 47 -31.63 -15.04 1.30
N ASP A 48 -32.28 -15.40 0.19
CA ASP A 48 -33.02 -16.67 0.11
C ASP A 48 -32.04 -17.84 0.19
N VAL A 49 -30.94 -17.75 -0.54
CA VAL A 49 -29.89 -18.77 -0.49
C VAL A 49 -29.24 -18.83 0.90
N LEU A 50 -28.95 -17.67 1.48
CA LEU A 50 -28.43 -17.63 2.85
C LEU A 50 -29.41 -18.28 3.84
N ALA A 51 -30.70 -18.08 3.61
CA ALA A 51 -31.72 -18.66 4.47
C ALA A 51 -31.80 -20.19 4.35
N GLN A 52 -31.40 -20.74 3.21
CA GLN A 52 -31.28 -22.20 3.04
C GLN A 52 -30.02 -22.72 3.78
N LEU A 53 -28.95 -21.95 3.73
CA LEU A 53 -27.68 -22.34 4.32
C LEU A 53 -27.75 -22.21 5.84
N TYR A 54 -28.45 -21.18 6.31
CA TYR A 54 -28.62 -20.93 7.74
C TYR A 54 -30.11 -20.96 8.09
N PRO A 55 -30.65 -22.17 8.35
CA PRO A 55 -32.09 -22.35 8.58
C PRO A 55 -32.70 -21.43 9.62
N ASP A 56 -31.93 -21.00 10.61
CA ASP A 56 -32.46 -20.09 11.64
C ASP A 56 -32.40 -18.61 11.24
N TRP A 57 -32.01 -18.35 10.00
CA TRP A 57 -31.90 -16.98 9.50
C TRP A 57 -32.67 -16.80 8.20
N PRO A 58 -34.01 -16.70 8.31
CA PRO A 58 -34.86 -16.43 7.16
C PRO A 58 -34.47 -15.13 6.48
N ALA A 59 -34.75 -15.03 5.18
CA ALA A 59 -34.44 -13.85 4.39
C ALA A 59 -34.91 -12.57 5.09
N GLU A 60 -36.12 -12.59 5.62
CA GLU A 60 -36.67 -11.38 6.22
C GLU A 60 -35.88 -10.95 7.45
N LYS A 61 -35.36 -11.90 8.21
CA LYS A 61 -34.54 -11.59 9.36
C LYS A 61 -33.17 -11.05 8.95
N ILE A 62 -32.59 -11.62 7.90
CA ILE A 62 -31.30 -11.15 7.38
C ILE A 62 -31.45 -9.72 6.90
N LEU A 63 -32.53 -9.44 6.16
CA LEU A 63 -32.83 -8.10 5.68
C LEU A 63 -33.05 -7.12 6.83
N ALA A 64 -33.90 -7.48 7.79
CA ALA A 64 -34.17 -6.60 8.93
C ALA A 64 -32.87 -6.21 9.66
N LYS A 65 -31.97 -7.18 9.84
CA LYS A 65 -30.74 -6.94 10.62
C LYS A 65 -29.63 -6.25 9.84
N THR A 66 -29.56 -6.48 8.52
CA THR A 66 -28.45 -5.97 7.71
C THR A 66 -28.86 -4.91 6.67
N GLY A 67 -30.09 -4.97 6.20
CA GLY A 67 -30.52 -4.14 5.08
C GLY A 67 -29.90 -4.56 3.76
N ILE A 68 -29.26 -5.73 3.75
CA ILE A 68 -28.64 -6.27 2.55
C ILE A 68 -29.45 -7.46 2.05
N ARG A 69 -29.84 -7.40 0.79
CA ARG A 69 -30.62 -8.45 0.14
C ARG A 69 -29.74 -9.37 -0.69
N GLU A 70 -28.76 -8.80 -1.38
CA GLU A 70 -27.82 -9.56 -2.21
C GLU A 70 -26.40 -9.05 -2.04
N ARG A 71 -25.46 -9.98 -2.20
CA ARG A 71 -24.05 -9.67 -2.34
C ARG A 71 -23.55 -10.36 -3.61
N ARG A 72 -22.51 -9.79 -4.21
CA ARG A 72 -21.88 -10.42 -5.36
C ARG A 72 -20.61 -11.09 -4.90
N ILE A 73 -20.29 -12.21 -5.54
CA ILE A 73 -19.20 -13.07 -5.15
C ILE A 73 -18.30 -13.34 -6.35
N ALA A 74 -17.01 -13.07 -6.19
CA ALA A 74 -16.01 -13.33 -7.22
C ALA A 74 -15.97 -14.81 -7.54
N ALA A 75 -15.76 -15.13 -8.82
CA ALA A 75 -15.57 -16.52 -9.21
C ALA A 75 -14.35 -17.05 -8.46
N PRO A 76 -14.26 -18.39 -8.29
CA PRO A 76 -13.20 -19.01 -7.49
C PRO A 76 -11.76 -18.52 -7.79
N ARG A 77 -11.43 -18.33 -9.06
CA ARG A 77 -10.07 -17.93 -9.46
C ARG A 77 -10.01 -16.46 -9.88
N GLU A 78 -11.12 -15.75 -9.70
CA GLU A 78 -11.18 -14.31 -9.98
C GLU A 78 -10.69 -13.53 -8.76
N THR A 79 -9.65 -12.74 -8.93
CA THR A 79 -9.08 -11.99 -7.81
C THR A 79 -9.63 -10.57 -7.74
N ALA A 80 -9.29 -9.86 -6.67
CA ALA A 80 -9.71 -8.48 -6.51
C ALA A 80 -9.12 -7.65 -7.65
N ALA A 81 -7.87 -7.90 -7.99
CA ALA A 81 -7.24 -7.21 -9.10
C ALA A 81 -8.03 -7.41 -10.40
N ASP A 82 -8.50 -8.63 -10.64
CA ASP A 82 -9.35 -8.92 -11.82
C ASP A 82 -10.59 -8.04 -11.83
N LEU A 83 -11.24 -7.89 -10.68
CA LEU A 83 -12.39 -7.02 -10.53
C LEU A 83 -12.00 -5.57 -10.78
N ALA A 84 -10.85 -5.17 -10.25
CA ALA A 84 -10.32 -3.82 -10.47
C ALA A 84 -10.08 -3.54 -11.95
N TYR A 85 -9.52 -4.53 -12.64
CA TYR A 85 -9.30 -4.44 -14.08
C TYR A 85 -10.57 -4.06 -14.84
N GLU A 86 -11.66 -4.74 -14.51
CA GLU A 86 -12.93 -4.51 -15.20
C GLU A 86 -13.57 -3.18 -14.82
N ALA A 87 -13.39 -2.77 -13.57
CA ALA A 87 -13.81 -1.43 -13.16
C ALA A 87 -13.09 -0.37 -13.99
N ALA A 88 -11.80 -0.57 -14.19
CA ALA A 88 -10.97 0.38 -14.94
C ALA A 88 -11.39 0.41 -16.43
N ARG A 89 -11.61 -0.77 -17.01
CA ARG A 89 -12.16 -0.87 -18.36
C ARG A 89 -13.45 -0.06 -18.51
N LYS A 90 -14.36 -0.24 -17.56
CA LYS A 90 -15.64 0.47 -17.60
C LYS A 90 -15.44 1.97 -17.47
N LEU A 91 -14.49 2.39 -16.64
CA LEU A 91 -14.17 3.80 -16.50
C LEU A 91 -13.70 4.39 -17.83
N PHE A 92 -12.81 3.71 -18.55
CA PHE A 92 -12.29 4.22 -19.82
C PHE A 92 -13.41 4.27 -20.85
N ALA A 93 -14.30 3.29 -20.82
CA ALA A 93 -15.51 3.28 -21.65
C ALA A 93 -16.45 4.46 -21.37
N GLN A 94 -16.43 4.98 -20.14
CA GLN A 94 -17.28 6.13 -19.80
C GLN A 94 -16.74 7.44 -20.40
N GLY A 95 -15.46 7.46 -20.74
CA GLY A 95 -14.93 8.45 -21.66
C GLY A 95 -14.37 9.73 -21.06
N ALA A 96 -14.40 9.88 -19.73
CA ALA A 96 -13.81 11.05 -19.10
C ALA A 96 -12.29 10.99 -19.19
N VAL A 97 -11.73 9.80 -19.06
CA VAL A 97 -10.30 9.59 -19.25
C VAL A 97 -10.07 8.30 -20.00
N GLY A 98 -8.88 8.14 -20.57
CA GLY A 98 -8.47 6.91 -21.22
C GLY A 98 -7.21 6.38 -20.59
N ALA A 99 -6.95 5.09 -20.82
CA ALA A 99 -5.75 4.43 -20.28
C ALA A 99 -4.46 5.18 -20.57
N ASP A 100 -4.42 5.86 -21.71
CA ASP A 100 -3.20 6.55 -22.13
C ASP A 100 -2.91 7.82 -21.33
N GLN A 101 -3.93 8.32 -20.63
CA GLN A 101 -3.78 9.51 -19.80
C GLN A 101 -3.37 9.19 -18.36
N VAL A 102 -3.49 7.93 -17.96
CA VAL A 102 -3.20 7.54 -16.59
C VAL A 102 -1.70 7.62 -16.35
N ASP A 103 -1.30 8.32 -15.28
CA ASP A 103 0.12 8.42 -14.93
C ASP A 103 0.42 7.98 -13.49
N PHE A 104 -0.58 7.41 -12.83
CA PHE A 104 -0.36 6.79 -11.54
C PHE A 104 -1.50 5.87 -11.19
N VAL A 105 -1.17 4.67 -10.69
CA VAL A 105 -2.16 3.68 -10.29
C VAL A 105 -2.01 3.34 -8.81
N ILE A 106 -3.08 3.55 -8.05
CA ILE A 106 -3.13 3.11 -6.64
C ILE A 106 -4.23 2.07 -6.53
N LEU A 107 -3.86 0.85 -6.14
CA LEU A 107 -4.83 -0.19 -5.88
C LEU A 107 -4.98 -0.36 -4.39
N CYS A 108 -6.17 -0.08 -3.87
CA CYS A 108 -6.47 -0.37 -2.48
C CYS A 108 -7.16 -1.71 -2.41
N THR A 109 -6.51 -2.68 -1.78
CA THR A 109 -7.09 -4.02 -1.65
C THR A 109 -6.57 -4.74 -0.42
N GLN A 110 -7.33 -5.72 0.05
CA GLN A 110 -6.85 -6.66 1.05
C GLN A 110 -6.88 -8.11 0.54
N ALA A 111 -6.91 -8.29 -0.77
CA ALA A 111 -6.77 -9.63 -1.39
C ALA A 111 -5.96 -9.57 -2.69
N PRO A 112 -4.68 -9.22 -2.59
CA PRO A 112 -3.85 -9.05 -3.77
C PRO A 112 -3.46 -10.38 -4.40
N ASP A 113 -2.99 -10.32 -5.65
CA ASP A 113 -2.60 -11.52 -6.38
C ASP A 113 -1.45 -12.28 -5.74
N TYR A 114 -0.42 -11.55 -5.35
CA TYR A 114 0.81 -12.13 -4.81
C TYR A 114 1.33 -11.35 -3.61
N VAL A 115 2.16 -12.02 -2.82
CA VAL A 115 2.99 -11.35 -1.81
C VAL A 115 3.86 -10.31 -2.51
N LEU A 116 4.41 -10.71 -3.65
CA LEU A 116 5.09 -9.84 -4.58
C LEU A 116 5.15 -10.55 -5.92
N PRO A 117 5.03 -9.80 -7.03
CA PRO A 117 5.00 -8.36 -7.16
C PRO A 117 3.64 -7.73 -6.89
N THR A 118 3.69 -6.41 -6.70
CA THR A 118 2.55 -5.53 -6.51
C THR A 118 1.46 -5.77 -7.53
N SER A 119 0.22 -5.87 -7.08
CA SER A 119 -0.90 -6.11 -8.00
C SER A 119 -1.18 -4.90 -8.89
N ALA A 120 -0.87 -3.70 -8.41
CA ALA A 120 -0.97 -2.48 -9.21
C ALA A 120 -0.03 -2.50 -10.41
N CYS A 121 1.13 -3.13 -10.27
CA CYS A 121 2.08 -3.23 -11.38
C CYS A 121 1.51 -4.06 -12.51
N MET A 122 0.82 -5.13 -12.15
CA MET A 122 0.21 -5.98 -13.14
C MET A 122 -1.01 -5.33 -13.77
N LEU A 123 -1.79 -4.59 -12.98
CA LEU A 123 -2.91 -3.84 -13.53
C LEU A 123 -2.44 -2.76 -14.50
N GLN A 124 -1.36 -2.06 -14.17
CA GLN A 124 -0.77 -1.12 -15.10
C GLN A 124 -0.58 -1.77 -16.46
N HIS A 125 0.08 -2.92 -16.47
CA HIS A 125 0.37 -3.59 -17.71
C HIS A 125 -0.90 -4.11 -18.41
N ARG A 126 -1.77 -4.75 -17.66
CA ARG A 126 -3.01 -5.30 -18.23
C ARG A 126 -3.87 -4.21 -18.84
N LEU A 127 -3.88 -3.03 -18.20
CA LEU A 127 -4.71 -1.95 -18.68
C LEU A 127 -4.06 -1.19 -19.83
N GLY A 128 -2.82 -1.54 -20.16
CA GLY A 128 -2.10 -0.85 -21.23
C GLY A 128 -1.70 0.56 -20.84
N ILE A 129 -1.46 0.77 -19.55
CA ILE A 129 -1.10 2.09 -19.04
C ILE A 129 0.37 2.31 -19.33
N PRO A 130 0.73 3.54 -19.75
CA PRO A 130 2.14 3.79 -20.03
C PRO A 130 3.06 3.46 -18.85
N THR A 131 4.28 3.05 -19.19
CA THR A 131 5.25 2.59 -18.22
C THR A 131 5.86 3.73 -17.41
N HIS A 132 5.58 4.98 -17.79
CA HIS A 132 5.99 6.11 -16.97
C HIS A 132 5.00 6.39 -15.82
N ALA A 133 3.89 5.64 -15.78
CA ALA A 133 2.96 5.71 -14.66
C ALA A 133 3.58 5.11 -13.40
N GLY A 134 3.30 5.74 -12.27
CA GLY A 134 3.58 5.13 -10.98
C GLY A 134 2.53 4.09 -10.69
N ALA A 135 2.87 3.12 -9.85
CA ALA A 135 1.91 2.11 -9.43
C ALA A 135 2.28 1.54 -8.08
N LEU A 136 1.28 1.36 -7.23
CA LEU A 136 1.50 0.72 -5.93
C LEU A 136 0.19 0.24 -5.33
N ASP A 137 0.29 -0.77 -4.47
CA ASP A 137 -0.84 -1.24 -3.68
C ASP A 137 -0.81 -0.60 -2.32
N VAL A 138 -2.01 -0.38 -1.79
CA VAL A 138 -2.21 0.05 -0.43
C VAL A 138 -3.06 -0.99 0.27
N ASN A 139 -2.62 -1.45 1.43
CA ASN A 139 -3.46 -2.33 2.24
C ASN A 139 -4.25 -1.50 3.25
N LEU A 140 -5.53 -1.30 2.95
CA LEU A 140 -6.51 -0.83 3.92
C LEU A 140 -7.85 -1.47 3.56
N GLY A 141 -8.82 -1.38 4.47
CA GLY A 141 -10.18 -1.89 4.22
C GLY A 141 -11.20 -0.78 4.00
N CYS A 142 -12.22 -0.74 4.84
CA CYS A 142 -13.32 0.19 4.66
C CYS A 142 -12.93 1.68 4.82
N SER A 143 -11.74 1.94 5.35
CA SER A 143 -11.19 3.29 5.36
C SER A 143 -10.46 3.64 4.07
N GLY A 144 -10.26 2.64 3.20
CA GLY A 144 -9.26 2.75 2.13
C GLY A 144 -9.50 3.84 1.10
N TYR A 145 -10.75 4.09 0.76
CA TYR A 145 -11.06 5.03 -0.31
C TYR A 145 -10.65 6.45 0.07
N VAL A 146 -10.99 6.86 1.29
CA VAL A 146 -10.70 8.21 1.75
C VAL A 146 -9.20 8.39 1.88
N TYR A 147 -8.52 7.38 2.45
CA TYR A 147 -7.07 7.36 2.45
C TYR A 147 -6.50 7.42 1.02
N GLY A 148 -7.09 6.64 0.12
CA GLY A 148 -6.69 6.65 -1.29
C GLY A 148 -6.80 8.04 -1.88
N LEU A 149 -7.92 8.70 -1.62
CA LEU A 149 -8.12 10.05 -2.10
C LEU A 149 -7.04 10.99 -1.58
N SER A 150 -6.67 10.86 -0.31
CA SER A 150 -5.61 11.74 0.23
C SER A 150 -4.29 11.54 -0.51
N LEU A 151 -3.96 10.29 -0.84
CA LEU A 151 -2.73 10.00 -1.58
C LEU A 151 -2.76 10.54 -3.01
N ALA A 152 -3.89 10.34 -3.67
CA ALA A 152 -4.08 10.80 -5.06
C ALA A 152 -4.07 12.32 -5.13
N LYS A 153 -4.71 12.97 -4.17
CA LYS A 153 -4.66 14.43 -4.07
C LYS A 153 -3.21 14.91 -3.85
N GLY A 154 -2.48 14.19 -3.00
CA GLY A 154 -1.09 14.54 -2.75
C GLY A 154 -0.25 14.49 -4.02
N LEU A 155 -0.41 13.42 -4.78
CA LEU A 155 0.32 13.27 -6.03
C LEU A 155 -0.08 14.33 -7.06
N VAL A 156 -1.37 14.61 -7.17
CA VAL A 156 -1.86 15.54 -8.19
C VAL A 156 -1.46 16.98 -7.87
N GLU A 157 -1.66 17.40 -6.63
CA GLU A 157 -1.45 18.80 -6.25
C GLU A 157 0.01 19.15 -6.00
N THR A 158 0.88 18.15 -5.89
CA THR A 158 2.33 18.39 -5.92
C THR A 158 2.92 18.23 -7.31
N GLY A 159 2.08 17.98 -8.32
CA GLY A 159 2.54 17.85 -9.70
C GLY A 159 3.20 16.54 -10.05
N ALA A 160 3.11 15.54 -9.17
CA ALA A 160 3.70 14.22 -9.45
C ALA A 160 2.84 13.39 -10.43
N ALA A 161 1.59 13.78 -10.59
CA ALA A 161 0.67 13.08 -11.48
C ALA A 161 -0.38 14.06 -11.91
N ARG A 162 -0.92 13.83 -13.11
CA ARG A 162 -2.07 14.57 -13.63
C ARG A 162 -3.34 13.74 -13.66
N CYS A 163 -3.20 12.42 -13.64
CA CYS A 163 -4.35 11.55 -13.73
C CYS A 163 -4.11 10.24 -12.97
N VAL A 164 -4.50 10.24 -11.70
CA VAL A 164 -4.30 9.09 -10.83
C VAL A 164 -5.51 8.19 -10.96
N LEU A 165 -5.26 6.92 -11.25
CA LEU A 165 -6.30 5.91 -11.30
C LEU A 165 -6.36 5.26 -9.92
N LEU A 166 -7.35 5.62 -9.14
CA LEU A 166 -7.52 5.05 -7.79
C LEU A 166 -8.48 3.87 -7.89
N LEU A 167 -7.94 2.69 -7.62
CA LEU A 167 -8.71 1.47 -7.69
C LEU A 167 -8.95 0.94 -6.29
N THR A 168 -10.16 0.49 -6.04
CA THR A 168 -10.47 -0.25 -4.85
C THR A 168 -10.94 -1.62 -5.34
N ALA A 169 -10.52 -2.68 -4.64
CA ALA A 169 -11.06 -4.00 -4.93
C ALA A 169 -10.88 -4.93 -3.73
N ASP A 170 -11.90 -5.73 -3.45
CA ASP A 170 -11.82 -6.71 -2.40
C ASP A 170 -12.57 -7.97 -2.77
N THR A 171 -12.06 -9.09 -2.28
CA THR A 171 -12.74 -10.37 -2.33
C THR A 171 -12.71 -10.99 -0.94
N TYR A 172 -13.38 -10.31 0.01
CA TYR A 172 -13.50 -10.84 1.37
C TYR A 172 -14.09 -12.25 1.38
N SER A 173 -15.00 -12.52 0.43
CA SER A 173 -15.63 -13.84 0.29
C SER A 173 -14.64 -14.97 0.35
N LYS A 174 -13.43 -14.75 -0.15
CA LYS A 174 -12.43 -15.80 -0.22
C LYS A 174 -11.86 -16.20 1.14
N TYR A 175 -12.07 -15.41 2.18
CA TYR A 175 -11.68 -15.83 3.52
C TYR A 175 -12.79 -15.78 4.57
N LEU A 176 -14.04 -15.81 4.13
CA LEU A 176 -15.16 -16.00 5.04
C LEU A 176 -15.36 -17.49 5.23
N HIS A 177 -15.40 -17.95 6.48
CA HIS A 177 -15.74 -19.36 6.71
C HIS A 177 -17.19 -19.61 6.25
N PRO A 178 -17.45 -20.76 5.60
CA PRO A 178 -18.82 -21.03 5.11
C PRO A 178 -19.89 -20.89 6.18
N LEU A 179 -19.56 -21.23 7.43
CA LEU A 179 -20.51 -21.19 8.54
C LEU A 179 -20.37 -19.96 9.45
N ASP A 180 -19.74 -18.90 8.96
CA ASP A 180 -19.63 -17.67 9.75
C ASP A 180 -20.73 -16.73 9.27
N LYS A 181 -21.91 -16.85 9.90
CA LYS A 181 -23.12 -16.17 9.45
C LYS A 181 -22.95 -14.68 9.47
N SER A 182 -22.30 -14.20 10.53
CA SER A 182 -22.11 -12.78 10.80
C SER A 182 -21.48 -12.06 9.62
N VAL A 183 -20.47 -12.68 9.03
CA VAL A 183 -19.73 -12.03 7.94
C VAL A 183 -20.35 -12.31 6.58
N ARG A 184 -20.88 -13.52 6.38
CA ARG A 184 -21.45 -13.87 5.07
C ARG A 184 -22.71 -13.11 4.72
N THR A 185 -23.48 -12.70 5.72
CA THR A 185 -24.67 -11.87 5.47
C THR A 185 -24.32 -10.42 5.15
N LEU A 186 -23.07 -10.03 5.43
CA LEU A 186 -22.60 -8.65 5.32
C LEU A 186 -21.81 -8.36 4.03
N PHE A 187 -20.79 -9.17 3.76
CA PHE A 187 -19.79 -8.83 2.76
C PHE A 187 -20.08 -9.28 1.34
N GLY A 188 -19.81 -8.36 0.41
CA GLY A 188 -19.81 -8.67 -1.00
C GLY A 188 -18.47 -8.34 -1.60
N ASP A 189 -18.21 -8.91 -2.76
CA ASP A 189 -16.99 -8.62 -3.49
C ASP A 189 -17.28 -7.53 -4.50
N GLY A 190 -16.23 -6.82 -4.89
CA GLY A 190 -16.39 -5.73 -5.85
C GLY A 190 -15.16 -4.86 -5.99
N ALA A 191 -15.27 -3.91 -6.91
CA ALA A 191 -14.18 -2.99 -7.20
C ALA A 191 -14.72 -1.68 -7.74
N SER A 192 -13.85 -0.69 -7.78
CA SER A 192 -14.17 0.59 -8.39
C SER A 192 -12.92 1.21 -8.96
N ALA A 193 -13.11 2.09 -9.93
CA ALA A 193 -12.03 2.85 -10.49
C ALA A 193 -12.45 4.32 -10.44
N THR A 194 -11.60 5.14 -9.83
CA THR A 194 -11.82 6.58 -9.75
C THR A 194 -10.66 7.28 -10.42
N ALA A 195 -10.99 8.22 -11.30
CA ALA A 195 -9.99 9.04 -11.96
C ALA A 195 -9.91 10.32 -11.17
N VAL A 196 -8.75 10.54 -10.57
CA VAL A 196 -8.49 11.76 -9.82
C VAL A 196 -7.56 12.60 -10.66
N ILE A 197 -8.09 13.70 -11.20
CA ILE A 197 -7.35 14.52 -12.14
C ILE A 197 -7.04 15.90 -11.57
N ALA A 198 -6.11 16.58 -12.24
CA ALA A 198 -5.80 17.98 -11.93
C ALA A 198 -6.83 18.88 -12.61
N GLU A 199 -7.65 19.57 -11.83
CA GLU A 199 -8.45 20.66 -12.34
C GLU A 199 -7.70 21.92 -11.96
N HIS A 200 -8.19 23.08 -12.40
CA HIS A 200 -7.59 24.35 -12.02
C HIS A 200 -8.70 25.30 -11.65
N GLY A 201 -8.70 25.78 -10.41
CA GLY A 201 -9.79 26.62 -9.94
C GLY A 201 -9.58 27.19 -8.54
N GLU A 202 -10.65 27.80 -8.04
CA GLU A 202 -10.64 28.47 -6.74
C GLU A 202 -10.92 27.50 -5.60
N LEU A 203 -11.75 26.50 -5.87
CA LEU A 203 -12.22 25.59 -4.82
C LEU A 203 -11.31 24.38 -4.65
N GLU A 204 -10.97 24.07 -3.40
CA GLU A 204 -10.43 22.77 -3.03
C GLU A 204 -11.54 21.75 -3.31
N ARG A 205 -11.34 20.92 -4.32
CA ARG A 205 -12.35 19.97 -4.75
C ARG A 205 -12.31 18.67 -3.92
N ILE A 206 -11.14 18.36 -3.36
CA ILE A 206 -10.97 17.21 -2.48
C ILE A 206 -10.15 17.67 -1.27
N GLY A 207 -10.72 17.51 -0.08
CA GLY A 207 -10.05 17.91 1.15
C GLY A 207 -10.83 19.02 1.83
N PRO A 208 -10.48 19.34 3.09
CA PRO A 208 -9.43 18.72 3.90
C PRO A 208 -9.78 17.32 4.41
N PHE A 209 -8.85 16.74 5.16
CA PHE A 209 -8.98 15.38 5.65
C PHE A 209 -8.80 15.33 7.16
N VAL A 210 -9.45 14.34 7.76
CA VAL A 210 -9.09 13.89 9.10
C VAL A 210 -8.81 12.40 9.00
N PHE A 211 -7.84 11.93 9.77
CA PHE A 211 -7.42 10.53 9.73
C PHE A 211 -7.54 9.91 11.09
N GLY A 212 -7.65 8.59 11.10
CA GLY A 212 -7.62 7.86 12.34
C GLY A 212 -7.03 6.49 12.15
N THR A 213 -6.30 6.06 13.16
CA THR A 213 -5.71 4.74 13.23
C THR A 213 -5.78 4.32 14.70
N ASP A 214 -6.18 3.09 14.98
CA ASP A 214 -6.07 2.60 16.35
C ASP A 214 -5.85 1.10 16.33
N GLY A 215 -4.59 0.71 16.41
CA GLY A 215 -4.20 -0.69 16.27
C GLY A 215 -4.69 -1.60 17.40
N ARG A 216 -5.23 -1.00 18.47
CA ARG A 216 -5.89 -1.77 19.52
C ARG A 216 -7.08 -2.52 18.96
N GLY A 217 -7.64 -2.01 17.87
CA GLY A 217 -8.74 -2.67 17.18
C GLY A 217 -8.35 -3.86 16.33
N ALA A 218 -7.05 -4.07 16.13
CA ALA A 218 -6.54 -5.17 15.31
C ALA A 218 -7.27 -6.51 15.50
N PRO A 219 -7.37 -7.01 16.76
CA PRO A 219 -7.99 -8.32 16.99
C PRO A 219 -9.50 -8.41 16.70
N ASN A 220 -10.15 -7.27 16.49
CA ASN A 220 -11.60 -7.23 16.26
C ASN A 220 -12.02 -7.33 14.79
N LEU A 221 -11.04 -7.31 13.90
CA LEU A 221 -11.30 -7.49 12.49
C LEU A 221 -9.97 -7.91 11.87
N ILE A 222 -9.85 -9.19 11.58
CA ILE A 222 -8.55 -9.80 11.33
C ILE A 222 -8.65 -11.16 10.66
N VAL A 223 -7.73 -11.41 9.73
CA VAL A 223 -7.40 -12.75 9.27
C VAL A 223 -6.04 -13.08 9.89
N LYS A 224 -6.05 -13.87 10.97
CA LYS A 224 -4.84 -14.10 11.77
C LYS A 224 -3.75 -14.88 11.08
N ALA A 225 -4.13 -16.01 10.47
CA ALA A 225 -3.16 -16.99 9.97
C ALA A 225 -3.00 -16.91 8.46
N GLY A 226 -1.79 -17.19 7.99
CA GLY A 226 -1.53 -17.25 6.56
C GLY A 226 -0.46 -16.30 6.04
N LEU A 227 -0.12 -15.26 6.79
CA LEU A 227 1.00 -14.40 6.40
C LEU A 227 2.13 -14.52 7.42
N PHE A 228 2.89 -13.48 7.69
CA PHE A 228 4.18 -13.67 8.33
C PHE A 228 4.16 -13.57 9.85
N ARG A 229 3.13 -12.96 10.42
CA ARG A 229 2.99 -12.96 11.87
C ARG A 229 2.60 -14.34 12.42
N GLU A 230 1.62 -14.98 11.78
CA GLU A 230 1.17 -16.31 12.21
C GLU A 230 1.03 -17.20 10.98
N PRO A 231 2.13 -17.86 10.59
CA PRO A 231 2.01 -18.82 9.50
C PRO A 231 0.98 -19.92 9.80
N LYS A 232 0.41 -20.49 8.75
CA LYS A 232 -0.59 -21.55 8.91
C LYS A 232 -0.01 -22.71 9.71
N SER A 233 -0.86 -23.32 10.53
CA SER A 233 -0.46 -24.41 11.40
C SER A 233 -1.61 -25.41 11.49
N ALA A 234 -1.38 -26.52 12.17
CA ALA A 234 -2.45 -27.47 12.43
C ALA A 234 -3.60 -26.76 13.17
N ASP A 235 -3.25 -25.90 14.14
CA ASP A 235 -4.28 -25.20 14.91
C ASP A 235 -5.04 -24.11 14.14
N SER A 236 -4.37 -23.44 13.21
CA SER A 236 -5.03 -22.38 12.44
C SER A 236 -6.12 -22.93 11.48
N ALA A 237 -6.03 -24.21 11.14
CA ALA A 237 -7.06 -24.89 10.36
C ALA A 237 -8.17 -25.48 11.24
N ARG A 238 -8.03 -25.41 12.56
CA ARG A 238 -9.05 -25.95 13.47
C ARG A 238 -10.22 -25.00 13.54
N GLU A 239 -11.41 -25.56 13.36
CA GLU A 239 -12.64 -24.80 13.51
C GLU A 239 -12.94 -24.60 14.98
N HIS A 240 -13.44 -23.43 15.33
CA HIS A 240 -14.04 -23.21 16.63
C HIS A 240 -15.35 -22.43 16.45
N GLU A 241 -16.26 -22.66 17.37
CA GLU A 241 -17.53 -21.99 17.42
C GLU A 241 -17.44 -20.92 18.48
N ASP A 242 -17.94 -19.73 18.18
CA ASP A 242 -17.84 -18.59 19.11
C ASP A 242 -19.12 -18.41 19.92
N ALA A 243 -19.20 -17.31 20.65
CA ALA A 243 -20.31 -17.04 21.57
C ALA A 243 -21.67 -16.97 20.87
N SER A 244 -21.69 -16.69 19.56
CA SER A 244 -22.92 -16.55 18.76
C SER A 244 -23.23 -17.75 17.87
N GLY A 245 -22.47 -18.83 17.99
CA GLY A 245 -22.68 -20.00 17.13
C GLY A 245 -22.11 -19.89 15.74
N ASN A 246 -21.28 -18.88 15.52
CA ASN A 246 -20.57 -18.73 14.25
C ASN A 246 -19.31 -19.56 14.29
N VAL A 247 -19.00 -20.22 13.18
CA VAL A 247 -17.81 -21.05 13.10
C VAL A 247 -16.78 -20.44 12.16
N ARG A 248 -15.51 -20.53 12.54
CA ARG A 248 -14.42 -20.10 11.69
C ARG A 248 -13.14 -20.81 12.12
N THR A 249 -12.07 -20.53 11.39
CA THR A 249 -10.72 -20.92 11.81
C THR A 249 -9.90 -19.63 11.77
N ASP A 250 -8.69 -19.67 12.31
CA ASP A 250 -7.82 -18.50 12.29
C ASP A 250 -7.34 -18.14 10.89
N GLU A 251 -7.51 -19.04 9.94
CA GLU A 251 -7.22 -18.78 8.54
C GLU A 251 -8.36 -18.04 7.83
N HIS A 252 -9.47 -17.79 8.52
CA HIS A 252 -10.62 -17.05 7.98
C HIS A 252 -10.77 -15.74 8.71
N LEU A 253 -11.57 -14.84 8.14
CA LEU A 253 -11.84 -13.54 8.74
C LEU A 253 -12.54 -13.73 10.07
N TYR A 254 -12.06 -13.02 11.08
CA TYR A 254 -12.82 -12.85 12.32
C TYR A 254 -13.23 -11.39 12.40
N MET A 255 -14.51 -11.16 12.63
CA MET A 255 -15.03 -9.82 12.86
C MET A 255 -15.84 -9.82 14.14
N ASN A 256 -15.39 -9.04 15.12
CA ASN A 256 -16.17 -8.82 16.32
C ASN A 256 -17.14 -7.65 16.07
N GLY A 257 -18.32 -8.00 15.58
CA GLY A 257 -19.31 -7.01 15.17
C GLY A 257 -19.67 -6.01 16.26
N ALA A 258 -19.84 -6.52 17.49
CA ALA A 258 -20.12 -5.67 18.66
C ALA A 258 -19.04 -4.62 18.86
N GLU A 259 -17.78 -5.03 18.78
CA GLU A 259 -16.67 -4.11 19.00
C GLU A 259 -16.54 -3.11 17.85
N VAL A 260 -16.65 -3.63 16.62
CA VAL A 260 -16.55 -2.78 15.44
C VAL A 260 -17.65 -1.73 15.44
N MET A 261 -18.85 -2.11 15.86
CA MET A 261 -19.95 -1.16 15.97
C MET A 261 -19.68 -0.10 17.02
N ALA A 262 -19.21 -0.51 18.19
CA ALA A 262 -18.91 0.42 19.27
C ALA A 262 -17.81 1.39 18.84
N PHE A 263 -16.76 0.86 18.20
CA PHE A 263 -15.70 1.70 17.63
C PHE A 263 -16.26 2.75 16.67
N SER A 264 -17.12 2.30 15.76
CA SER A 264 -17.72 3.16 14.75
C SER A 264 -18.56 4.29 15.34
N LEU A 265 -19.39 3.95 16.33
CA LEU A 265 -20.21 4.97 17.01
C LEU A 265 -19.35 5.96 17.79
N ALA A 266 -18.20 5.50 18.29
CA ALA A 266 -17.31 6.38 19.06
C ALA A 266 -16.52 7.34 18.15
N GLU A 267 -15.97 6.82 17.06
CA GLU A 267 -15.00 7.58 16.27
C GLU A 267 -15.56 8.35 15.08
N VAL A 268 -16.53 7.75 14.37
CA VAL A 268 -17.03 8.36 13.15
C VAL A 268 -17.72 9.72 13.38
N PRO A 269 -18.57 9.85 14.41
CA PRO A 269 -19.15 11.17 14.69
C PRO A 269 -18.11 12.19 15.14
N ARG A 270 -17.19 11.78 16.01
CA ARG A 270 -16.05 12.60 16.40
C ARG A 270 -15.23 13.05 15.19
N ALA A 271 -14.92 12.11 14.30
CA ALA A 271 -14.17 12.43 13.08
C ALA A 271 -14.91 13.47 12.25
N ALA A 272 -16.22 13.28 12.06
CA ALA A 272 -17.04 14.22 11.30
C ALA A 272 -17.00 15.62 11.93
N ASP A 273 -17.19 15.69 13.24
CA ASP A 273 -17.13 16.97 13.97
C ASP A 273 -15.79 17.61 13.79
N ARG A 274 -14.74 16.85 14.06
CA ARG A 274 -13.36 17.30 13.96
C ARG A 274 -13.11 17.86 12.57
N LEU A 275 -13.61 17.16 11.55
CA LEU A 275 -13.41 17.58 10.15
C LEU A 275 -14.05 18.92 9.87
N LEU A 276 -15.31 19.08 10.28
CA LEU A 276 -16.03 20.32 10.06
C LEU A 276 -15.31 21.49 10.75
N ALA A 277 -14.89 21.28 12.00
CA ALA A 277 -14.15 22.30 12.75
C ALA A 277 -12.87 22.70 12.03
N LEU A 278 -12.09 21.69 11.63
CA LEU A 278 -10.87 21.91 10.85
C LEU A 278 -11.14 22.70 9.58
N ALA A 279 -12.24 22.40 8.89
CA ALA A 279 -12.57 23.05 7.62
C ALA A 279 -13.24 24.44 7.78
N GLY A 280 -13.61 24.81 9.02
CA GLY A 280 -14.37 26.04 9.25
C GLY A 280 -15.73 25.98 8.57
N GLU A 281 -16.29 24.78 8.50
CA GLU A 281 -17.45 24.51 7.66
C GLU A 281 -18.65 24.18 8.55
N PRO A 282 -19.74 24.97 8.44
CA PRO A 282 -20.91 24.61 9.26
C PRO A 282 -21.55 23.31 8.79
N ARG A 283 -21.93 22.49 9.76
CA ARG A 283 -22.58 21.20 9.51
C ARG A 283 -23.69 21.29 8.45
N GLU A 284 -24.40 22.43 8.42
CA GLU A 284 -25.55 22.60 7.52
C GLU A 284 -25.14 22.72 6.06
N ASN A 285 -23.89 23.14 5.81
CA ASN A 285 -23.41 23.28 4.42
C ASN A 285 -23.08 21.96 3.71
N ILE A 286 -23.02 20.85 4.45
CA ILE A 286 -22.82 19.55 3.83
C ILE A 286 -24.14 19.06 3.22
N ASP A 287 -24.12 18.81 1.92
CA ASP A 287 -25.28 18.31 1.21
C ASP A 287 -25.53 16.83 1.41
N CYS A 288 -24.44 16.05 1.51
CA CYS A 288 -24.53 14.59 1.63
CA CYS A 288 -24.55 14.61 1.66
C CYS A 288 -23.42 14.07 2.53
N PHE A 289 -23.79 13.22 3.49
CA PHE A 289 -22.83 12.53 4.32
C PHE A 289 -22.78 11.12 3.76
N VAL A 290 -21.73 10.81 3.00
CA VAL A 290 -21.62 9.49 2.37
C VAL A 290 -20.66 8.67 3.23
N LEU A 291 -21.22 7.68 3.92
CA LEU A 291 -20.45 6.88 4.88
C LEU A 291 -20.15 5.51 4.30
N HIS A 292 -19.06 4.90 4.77
CA HIS A 292 -18.79 3.51 4.46
C HIS A 292 -20.08 2.72 4.70
N GLN A 293 -20.48 1.94 3.70
CA GLN A 293 -21.79 1.31 3.69
C GLN A 293 -21.73 -0.03 4.37
N ALA A 294 -21.47 0.01 5.68
CA ALA A 294 -21.23 -1.19 6.49
C ALA A 294 -22.44 -2.10 6.45
N ASN A 295 -23.60 -1.51 6.77
CA ASN A 295 -24.90 -2.18 6.72
C ASN A 295 -25.92 -1.21 7.31
N ARG A 296 -27.21 -1.51 7.13
CA ARG A 296 -28.27 -0.53 7.49
C ARG A 296 -28.32 -0.26 8.99
N PHE A 297 -28.15 -1.31 9.79
CA PHE A 297 -28.20 -1.18 11.24
C PHE A 297 -27.12 -0.22 11.75
N MET A 298 -25.90 -0.42 11.28
CA MET A 298 -24.77 0.45 11.62
C MET A 298 -25.05 1.88 11.13
N LEU A 299 -25.42 2.00 9.86
CA LEU A 299 -25.68 3.30 9.24
C LEU A 299 -26.84 4.04 9.95
N ASP A 300 -27.90 3.31 10.29
CA ASP A 300 -28.99 3.88 11.09
C ASP A 300 -28.49 4.39 12.43
N ALA A 301 -27.71 3.59 13.14
CA ALA A 301 -27.17 4.02 14.44
C ALA A 301 -26.34 5.29 14.26
N LEU A 302 -25.56 5.36 13.19
CA LEU A 302 -24.66 6.51 13.00
C LEU A 302 -25.42 7.76 12.60
N ARG A 303 -26.39 7.61 11.70
CA ARG A 303 -27.22 8.72 11.25
C ARG A 303 -27.91 9.36 12.44
N LYS A 304 -28.52 8.52 13.27
CA LYS A 304 -29.27 8.99 14.43
C LYS A 304 -28.33 9.66 15.43
N LYS A 305 -27.19 9.05 15.73
CA LYS A 305 -26.21 9.68 16.63
C LYS A 305 -25.69 10.99 16.04
N MET A 306 -25.42 11.00 14.74
CA MET A 306 -24.87 12.18 14.11
C MET A 306 -25.93 13.26 13.83
N LYS A 307 -27.21 12.91 14.04
CA LYS A 307 -28.34 13.82 13.85
C LYS A 307 -28.34 14.40 12.45
N ILE A 308 -28.20 13.52 11.46
CA ILE A 308 -28.24 13.89 10.06
C ILE A 308 -29.59 13.47 9.50
N PRO A 309 -30.22 14.32 8.66
CA PRO A 309 -31.46 13.88 8.02
C PRO A 309 -31.25 12.78 6.98
N GLU A 310 -32.25 11.91 6.85
CA GLU A 310 -32.18 10.78 5.92
C GLU A 310 -31.82 11.16 4.49
N HIS A 311 -32.32 12.29 4.01
CA HIS A 311 -32.09 12.69 2.62
C HIS A 311 -30.64 13.17 2.38
N LYS A 312 -29.88 13.37 3.45
CA LYS A 312 -28.46 13.71 3.37
C LYS A 312 -27.56 12.52 3.76
N PHE A 313 -28.12 11.32 3.77
CA PHE A 313 -27.47 10.16 4.36
C PHE A 313 -27.88 8.90 3.59
N PRO A 314 -27.24 8.65 2.44
CA PRO A 314 -27.58 7.52 1.58
C PRO A 314 -27.24 6.16 2.18
N VAL A 315 -28.19 5.23 2.05
CA VAL A 315 -27.99 3.84 2.38
C VAL A 315 -28.23 3.05 1.10
N LEU A 316 -27.16 2.68 0.42
CA LEU A 316 -27.23 2.22 -0.96
C LEU A 316 -26.61 0.86 -1.22
N MET A 317 -26.48 0.02 -0.20
CA MET A 317 -25.78 -1.26 -0.37
C MET A 317 -26.71 -2.47 -0.35
N GLU A 318 -28.01 -2.24 -0.47
CA GLU A 318 -28.98 -3.34 -0.47
C GLU A 318 -28.62 -4.46 -1.46
N HIS A 319 -28.11 -4.10 -2.63
CA HIS A 319 -27.89 -5.07 -3.70
C HIS A 319 -26.44 -5.52 -3.91
N CYS A 320 -25.52 -5.01 -3.10
CA CYS A 320 -24.11 -5.41 -3.20
C CYS A 320 -23.47 -5.76 -1.86
N GLY A 321 -24.13 -5.40 -0.76
CA GLY A 321 -23.59 -5.57 0.56
C GLY A 321 -22.38 -4.69 0.85
N ASN A 322 -21.66 -5.05 1.89
CA ASN A 322 -20.46 -4.34 2.29
C ASN A 322 -19.27 -4.78 1.42
N THR A 323 -18.87 -3.92 0.50
CA THR A 323 -17.77 -4.21 -0.43
C THR A 323 -16.42 -3.64 0.03
N VAL A 324 -16.31 -3.35 1.33
CA VAL A 324 -15.04 -2.97 1.94
C VAL A 324 -14.58 -1.61 1.39
N SER A 325 -13.39 -1.51 0.77
CA SER A 325 -12.92 -0.20 0.31
C SER A 325 -13.79 0.38 -0.79
N SER A 326 -14.56 -0.46 -1.48
CA SER A 326 -15.35 0.00 -2.60
C SER A 326 -16.71 0.54 -2.21
N THR A 327 -17.04 0.56 -0.92
CA THR A 327 -18.37 0.98 -0.51
C THR A 327 -18.64 2.42 -0.93
N LEU A 328 -17.72 3.32 -0.64
CA LEU A 328 -17.92 4.73 -0.96
C LEU A 328 -18.02 5.01 -2.47
N PRO A 329 -17.06 4.55 -3.27
CA PRO A 329 -17.17 4.85 -4.71
C PRO A 329 -18.37 4.19 -5.39
N LEU A 330 -18.73 2.99 -4.95
CA LEU A 330 -19.95 2.38 -5.44
C LEU A 330 -21.19 3.18 -5.04
N ALA A 331 -21.21 3.70 -3.81
CA ALA A 331 -22.31 4.54 -3.35
C ALA A 331 -22.38 5.82 -4.19
N LEU A 332 -21.23 6.45 -4.42
CA LEU A 332 -21.17 7.66 -5.23
C LEU A 332 -21.66 7.39 -6.65
N GLU A 333 -21.21 6.28 -7.24
CA GLU A 333 -21.65 5.89 -8.57
C GLU A 333 -23.17 5.74 -8.61
N THR A 334 -23.74 5.07 -7.60
CA THR A 334 -25.18 4.88 -7.53
C THR A 334 -25.92 6.22 -7.42
N MET A 335 -25.39 7.13 -6.61
CA MET A 335 -26.02 8.44 -6.47
C MET A 335 -26.02 9.20 -7.79
N ARG A 336 -24.95 9.05 -8.58
CA ARG A 336 -24.90 9.68 -9.90
C ARG A 336 -25.87 9.01 -10.87
N ALA A 337 -25.97 7.69 -10.80
CA ALA A 337 -26.87 6.95 -11.67
C ALA A 337 -28.31 7.37 -11.44
N ASN A 338 -28.67 7.63 -10.18
CA ASN A 338 -30.05 7.99 -9.87
C ASN A 338 -30.27 9.49 -9.56
N GLY A 339 -29.31 10.31 -9.98
CA GLY A 339 -29.47 11.76 -9.95
C GLY A 339 -29.50 12.45 -8.60
N THR A 340 -29.00 11.80 -7.55
CA THR A 340 -28.87 12.44 -6.25
C THR A 340 -27.48 13.03 -6.04
N LEU A 341 -26.53 12.72 -6.93
CA LEU A 341 -25.21 13.35 -6.89
C LEU A 341 -24.94 14.14 -8.17
N ALA A 342 -24.67 15.41 -7.99
CA ALA A 342 -24.37 16.32 -9.09
C ALA A 342 -23.15 17.16 -8.77
N ARG A 343 -22.57 17.74 -9.81
CA ARG A 343 -21.43 18.61 -9.66
C ARG A 343 -21.78 19.79 -8.76
N GLY A 344 -20.83 20.21 -7.93
CA GLY A 344 -21.04 21.34 -7.02
C GLY A 344 -21.57 20.96 -5.64
N MET A 345 -22.09 19.75 -5.48
CA MET A 345 -22.58 19.30 -4.17
C MET A 345 -21.43 19.10 -3.19
N ARG A 346 -21.68 19.52 -1.95
CA ARG A 346 -20.71 19.46 -0.89
C ARG A 346 -20.88 18.15 -0.14
N LEU A 347 -19.91 17.26 -0.24
CA LEU A 347 -20.01 15.96 0.42
C LEU A 347 -19.07 15.87 1.60
N MET A 348 -19.45 15.07 2.58
CA MET A 348 -18.48 14.48 3.49
C MET A 348 -18.41 12.98 3.19
N LEU A 349 -17.18 12.50 3.01
CA LEU A 349 -16.93 11.07 2.86
C LEU A 349 -16.30 10.56 4.15
N LEU A 350 -16.85 9.48 4.69
CA LEU A 350 -16.35 8.88 5.92
C LEU A 350 -16.12 7.39 5.71
N GLY A 351 -14.88 6.95 5.93
CA GLY A 351 -14.51 5.55 5.83
C GLY A 351 -13.98 5.09 7.18
N PHE A 352 -14.31 3.86 7.56
CA PHE A 352 -13.99 3.40 8.91
C PHE A 352 -14.11 1.90 8.99
N GLY A 353 -13.11 1.26 9.58
CA GLY A 353 -13.14 -0.19 9.67
C GLY A 353 -11.87 -0.80 10.19
N VAL A 354 -11.54 -1.96 9.60
CA VAL A 354 -10.40 -2.77 9.97
C VAL A 354 -9.11 -1.98 10.14
N GLY A 355 -8.41 -2.26 11.24
CA GLY A 355 -7.15 -1.59 11.58
C GLY A 355 -6.91 -1.50 13.06
N TYR A 356 -7.75 -0.77 13.80
CA TYR A 356 -8.82 0.06 13.26
C TYR A 356 -8.21 1.19 12.45
N SER A 357 -8.95 1.63 11.45
CA SER A 357 -8.53 2.74 10.61
C SER A 357 -9.79 3.49 10.21
N TRP A 358 -9.69 4.81 10.19
CA TRP A 358 -10.78 5.63 9.67
C TRP A 358 -10.26 6.93 9.10
N ALA A 359 -11.11 7.58 8.33
CA ALA A 359 -10.70 8.79 7.64
C ALA A 359 -11.93 9.50 7.11
N GLY A 360 -11.87 10.83 7.12
CA GLY A 360 -12.94 11.63 6.56
C GLY A 360 -12.37 12.69 5.65
N CYS A 361 -13.15 13.08 4.65
CA CYS A 361 -12.79 14.25 3.88
C CYS A 361 -14.02 14.97 3.37
N LEU A 362 -13.85 16.24 3.07
CA LEU A 362 -14.85 17.00 2.37
C LEU A 362 -14.52 16.92 0.91
N VAL A 363 -15.57 16.99 0.10
CA VAL A 363 -15.46 16.97 -1.34
C VAL A 363 -16.43 17.99 -1.89
N ASN A 364 -15.96 18.80 -2.84
CA ASN A 364 -16.84 19.59 -3.67
C ASN A 364 -16.88 18.88 -5.02
N PHE A 365 -17.97 18.19 -5.31
CA PHE A 365 -17.97 17.23 -6.40
C PHE A 365 -17.90 17.90 -7.77
N PRO B 29 4.14 24.91 2.25
CA PRO B 29 4.97 23.97 3.03
C PRO B 29 5.73 23.02 2.14
N ARG B 30 7.04 22.93 2.37
CA ARG B 30 7.93 22.10 1.58
C ARG B 30 8.29 20.82 2.36
N ALA B 31 8.07 19.66 1.75
CA ALA B 31 8.46 18.39 2.39
C ALA B 31 9.98 18.23 2.35
N ALA B 32 10.55 17.80 3.46
CA ALA B 32 11.97 17.57 3.57
C ALA B 32 12.22 16.28 4.32
N ILE B 33 13.34 15.64 4.06
CA ILE B 33 13.76 14.48 4.82
C ILE B 33 14.40 15.01 6.12
N ALA B 34 13.70 14.83 7.24
CA ALA B 34 14.15 15.40 8.50
C ALA B 34 15.22 14.53 9.15
N ASP B 35 15.03 13.21 9.06
CA ASP B 35 15.94 12.27 9.72
C ASP B 35 15.65 10.86 9.25
N ILE B 36 16.67 10.01 9.34
CA ILE B 36 16.57 8.61 8.95
C ILE B 36 17.21 7.76 10.05
N ALA B 37 16.64 6.58 10.28
CA ALA B 37 17.26 5.62 11.19
C ALA B 37 17.01 4.25 10.61
N GLY B 38 18.01 3.38 10.67
CA GLY B 38 17.92 2.03 10.13
C GLY B 38 17.94 1.00 11.22
N HIS B 39 17.49 -0.21 10.90
CA HIS B 39 17.63 -1.34 11.79
C HIS B 39 17.85 -2.63 10.99
N LEU B 40 18.89 -3.36 11.38
CA LEU B 40 19.14 -4.66 10.83
C LEU B 40 18.99 -5.68 11.94
N PRO B 41 18.45 -6.86 11.62
CA PRO B 41 18.34 -7.92 12.64
C PRO B 41 19.69 -8.52 13.01
N GLU B 42 19.70 -9.40 14.01
CA GLU B 42 20.93 -9.88 14.63
C GLU B 42 21.70 -10.95 13.86
N GLN B 43 21.00 -12.01 13.44
CA GLN B 43 21.63 -13.15 12.79
C GLN B 43 22.35 -12.74 11.52
N VAL B 44 23.60 -13.16 11.38
CA VAL B 44 24.43 -12.81 10.23
C VAL B 44 24.58 -14.01 9.30
N LEU B 45 24.37 -13.79 8.00
CA LEU B 45 24.61 -14.81 6.99
C LEU B 45 25.88 -14.42 6.24
N THR B 46 26.98 -15.07 6.59
CA THR B 46 28.28 -14.74 6.01
C THR B 46 28.52 -15.49 4.73
N ASN B 47 29.46 -14.99 3.94
CA ASN B 47 29.90 -15.68 2.73
C ASN B 47 30.55 -17.03 3.01
N ASP B 48 31.20 -17.14 4.18
CA ASP B 48 31.82 -18.39 4.59
C ASP B 48 30.78 -19.47 4.87
N VAL B 49 29.64 -19.07 5.44
CA VAL B 49 28.54 -19.99 5.68
C VAL B 49 27.83 -20.37 4.40
N LEU B 50 27.67 -19.41 3.48
CA LEU B 50 27.12 -19.71 2.16
C LEU B 50 28.04 -20.65 1.38
N ALA B 51 29.36 -20.47 1.55
CA ALA B 51 30.36 -21.32 0.90
C ALA B 51 30.29 -22.76 1.38
N GLN B 52 30.07 -22.95 2.68
CA GLN B 52 29.87 -24.28 3.27
C GLN B 52 28.68 -24.99 2.62
N LEU B 53 27.63 -24.21 2.35
CA LEU B 53 26.37 -24.73 1.85
C LEU B 53 26.36 -24.85 0.31
N TYR B 54 27.19 -24.06 -0.36
CA TYR B 54 27.34 -24.14 -1.81
C TYR B 54 28.82 -24.31 -2.20
N PRO B 55 29.27 -25.56 -2.35
CA PRO B 55 30.65 -25.88 -2.76
C PRO B 55 31.15 -25.06 -3.95
N ASP B 56 30.34 -24.96 -5.00
CA ASP B 56 30.74 -24.23 -6.22
C ASP B 56 30.90 -22.71 -6.04
N TRP B 57 30.51 -22.17 -4.88
CA TRP B 57 30.59 -20.73 -4.62
C TRP B 57 31.37 -20.43 -3.33
N PRO B 58 32.71 -20.43 -3.39
CA PRO B 58 33.50 -20.06 -2.21
C PRO B 58 33.38 -18.57 -1.88
N ALA B 59 33.81 -18.20 -0.67
CA ALA B 59 33.68 -16.83 -0.18
C ALA B 59 34.19 -15.76 -1.16
N GLU B 60 35.33 -16.02 -1.78
CA GLU B 60 35.96 -15.05 -2.70
C GLU B 60 35.16 -14.86 -3.99
N LYS B 61 34.49 -15.91 -4.45
CA LYS B 61 33.64 -15.84 -5.64
C LYS B 61 32.34 -15.06 -5.38
N ILE B 62 31.72 -15.29 -4.22
CA ILE B 62 30.48 -14.60 -3.86
C ILE B 62 30.73 -13.10 -3.76
N LEU B 63 31.82 -12.74 -3.09
CA LEU B 63 32.23 -11.35 -2.93
C LEU B 63 32.59 -10.71 -4.28
N ALA B 64 33.26 -11.50 -5.13
CA ALA B 64 33.65 -11.04 -6.46
C ALA B 64 32.41 -10.68 -7.29
N LYS B 65 31.42 -11.58 -7.28
CA LYS B 65 30.22 -11.41 -8.08
C LYS B 65 29.26 -10.36 -7.51
N THR B 66 29.11 -10.31 -6.19
CA THR B 66 28.03 -9.51 -5.58
C THR B 66 28.52 -8.30 -4.79
N GLY B 67 29.76 -8.34 -4.30
CA GLY B 67 30.27 -7.31 -3.42
C GLY B 67 29.69 -7.35 -2.01
N ILE B 68 28.96 -8.42 -1.69
CA ILE B 68 28.30 -8.56 -0.41
C ILE B 68 29.09 -9.55 0.47
N ARG B 69 29.53 -9.06 1.64
CA ARG B 69 30.27 -9.87 2.61
C ARG B 69 29.33 -10.56 3.58
N GLU B 70 28.31 -9.85 4.07
CA GLU B 70 27.26 -10.48 4.84
C GLU B 70 25.89 -9.84 4.69
N ARG B 71 24.86 -10.61 5.08
CA ARG B 71 23.49 -10.13 5.18
C ARG B 71 22.98 -10.44 6.57
N ARG B 72 22.05 -9.63 7.05
CA ARG B 72 21.37 -9.90 8.31
C ARG B 72 20.06 -10.59 8.03
N ILE B 73 19.70 -11.52 8.89
CA ILE B 73 18.51 -12.34 8.70
C ILE B 73 17.62 -12.15 9.91
N ALA B 74 16.35 -11.89 9.64
CA ALA B 74 15.35 -11.72 10.70
C ALA B 74 15.22 -13.05 11.44
N ALA B 75 15.07 -12.98 12.77
CA ALA B 75 14.77 -14.18 13.56
C ALA B 75 13.48 -14.81 13.03
N PRO B 76 13.29 -16.12 13.27
CA PRO B 76 12.26 -16.93 12.60
C PRO B 76 10.82 -16.37 12.63
N ARG B 77 10.40 -15.86 13.78
CA ARG B 77 9.08 -15.24 13.92
C ARG B 77 9.18 -13.72 14.12
N GLU B 78 10.30 -13.14 13.72
CA GLU B 78 10.46 -11.69 13.65
C GLU B 78 10.01 -11.23 12.27
N THR B 79 9.04 -10.33 12.23
CA THR B 79 8.46 -9.90 10.94
C THR B 79 9.09 -8.60 10.46
N ALA B 80 8.76 -8.20 9.25
CA ALA B 80 9.18 -6.92 8.71
C ALA B 80 8.66 -5.77 9.60
N ALA B 81 7.40 -5.84 10.01
CA ALA B 81 6.83 -4.83 10.89
C ALA B 81 7.66 -4.68 12.20
N ASP B 82 8.14 -5.79 12.75
CA ASP B 82 9.02 -5.77 13.93
C ASP B 82 10.34 -5.03 13.68
N LEU B 83 10.92 -5.24 12.50
CA LEU B 83 12.16 -4.56 12.15
C LEU B 83 11.91 -3.06 11.98
N ALA B 84 10.76 -2.72 11.43
CA ALA B 84 10.36 -1.32 11.24
C ALA B 84 10.14 -0.61 12.59
N TYR B 85 9.50 -1.33 13.53
CA TYR B 85 9.32 -0.84 14.90
C TYR B 85 10.67 -0.46 15.53
N GLU B 86 11.66 -1.34 15.41
CA GLU B 86 12.99 -1.07 15.95
C GLU B 86 13.64 0.13 15.28
N ALA B 87 13.48 0.25 13.97
CA ALA B 87 13.96 1.41 13.23
C ALA B 87 13.33 2.71 13.72
N ALA B 88 12.01 2.71 13.88
CA ALA B 88 11.27 3.88 14.38
C ALA B 88 11.73 4.24 15.80
N ARG B 89 11.86 3.24 16.66
CA ARG B 89 12.37 3.46 18.02
C ARG B 89 13.73 4.15 18.01
N LYS B 90 14.62 3.71 17.13
CA LYS B 90 15.92 4.32 16.97
C LYS B 90 15.79 5.76 16.44
N LEU B 91 14.94 5.96 15.45
CA LEU B 91 14.68 7.28 14.90
C LEU B 91 14.24 8.24 16.01
N PHE B 92 13.31 7.78 16.85
CA PHE B 92 12.68 8.63 17.86
C PHE B 92 13.64 9.09 18.97
N ALA B 93 14.83 8.50 19.06
CA ALA B 93 15.87 8.95 20.02
C ALA B 93 16.77 10.07 19.49
N GLN B 94 16.77 10.27 18.17
CA GLN B 94 17.81 11.03 17.47
C GLN B 94 17.65 12.56 17.52
N GLY B 95 16.44 13.06 17.74
CA GLY B 95 16.25 14.49 17.96
C GLY B 95 15.65 15.26 16.81
N ALA B 96 14.87 14.59 15.95
CA ALA B 96 14.14 15.28 14.89
C ALA B 96 12.65 14.96 14.88
N VAL B 97 12.26 13.82 15.42
CA VAL B 97 10.87 13.39 15.41
C VAL B 97 10.64 12.37 16.51
N GLY B 98 9.45 12.37 17.10
CA GLY B 98 9.07 11.33 18.04
C GLY B 98 7.67 10.83 17.76
N ALA B 99 7.25 9.83 18.53
CA ALA B 99 5.94 9.21 18.35
C ALA B 99 4.80 10.21 18.30
N ASP B 100 4.81 11.18 19.23
CA ASP B 100 3.71 12.14 19.37
C ASP B 100 3.54 13.07 18.18
N GLN B 101 4.61 13.24 17.40
CA GLN B 101 4.64 14.16 16.28
C GLN B 101 4.21 13.50 14.98
N VAL B 102 4.25 12.18 14.93
CA VAL B 102 3.90 11.45 13.71
C VAL B 102 2.41 11.57 13.48
N ASP B 103 2.03 12.06 12.31
CA ASP B 103 0.61 12.14 11.96
C ASP B 103 0.24 11.33 10.73
N PHE B 104 1.18 10.56 10.22
CA PHE B 104 0.91 9.62 9.13
C PHE B 104 2.00 8.58 9.08
N VAL B 105 1.61 7.32 9.02
CA VAL B 105 2.55 6.23 8.91
C VAL B 105 2.34 5.52 7.57
N ILE B 106 3.43 5.36 6.82
CA ILE B 106 3.43 4.56 5.60
C ILE B 106 4.45 3.45 5.82
N LEU B 107 3.99 2.21 5.81
CA LEU B 107 4.90 1.08 5.92
C LEU B 107 5.03 0.47 4.54
N CYS B 108 6.22 0.57 3.96
CA CYS B 108 6.51 -0.09 2.70
C CYS B 108 7.12 -1.44 3.00
N THR B 109 6.41 -2.51 2.68
CA THR B 109 6.89 -3.85 2.91
C THR B 109 6.28 -4.86 1.95
N GLN B 110 7.02 -5.94 1.70
CA GLN B 110 6.48 -7.09 0.98
C GLN B 110 6.50 -8.35 1.86
N ALA B 111 6.36 -8.15 3.18
CA ALA B 111 6.14 -9.27 4.11
C ALA B 111 5.36 -8.80 5.33
N PRO B 112 4.10 -8.41 5.13
CA PRO B 112 3.27 -7.92 6.22
C PRO B 112 2.84 -8.98 7.21
N ASP B 113 2.38 -8.54 8.37
CA ASP B 113 2.00 -9.43 9.46
C ASP B 113 0.78 -10.26 9.05
N TYR B 114 -0.26 -9.59 8.57
CA TYR B 114 -1.50 -10.24 8.17
C TYR B 114 -1.96 -9.79 6.79
N VAL B 115 -2.87 -10.55 6.19
CA VAL B 115 -3.56 -10.06 4.98
C VAL B 115 -4.42 -8.86 5.39
N LEU B 116 -4.94 -8.91 6.61
CA LEU B 116 -5.58 -7.78 7.28
C LEU B 116 -5.67 -8.12 8.77
N PRO B 117 -5.56 -7.11 9.66
CA PRO B 117 -5.40 -5.68 9.39
C PRO B 117 -4.01 -5.27 8.92
N THR B 118 -4.00 -4.08 8.32
CA THR B 118 -2.81 -3.36 7.90
C THR B 118 -1.74 -3.33 8.98
N SER B 119 -0.50 -3.66 8.61
CA SER B 119 0.59 -3.71 9.58
C SER B 119 0.93 -2.35 10.19
N ALA B 120 0.86 -1.29 9.38
CA ALA B 120 1.10 0.07 9.88
C ALA B 120 0.12 0.44 11.02
N CYS B 121 -1.09 -0.10 10.97
CA CYS B 121 -2.10 0.17 12.00
C CYS B 121 -1.62 -0.35 13.36
N MET B 122 -1.08 -1.55 13.37
CA MET B 122 -0.55 -2.10 14.62
C MET B 122 0.74 -1.38 15.05
N LEU B 123 1.55 -0.95 14.09
CA LEU B 123 2.77 -0.19 14.42
C LEU B 123 2.43 1.16 15.05
N GLN B 124 1.32 1.75 14.63
CA GLN B 124 0.85 3.01 15.21
C GLN B 124 0.69 2.85 16.73
N HIS B 125 -0.05 1.81 17.14
CA HIS B 125 -0.28 1.57 18.56
C HIS B 125 1.01 1.15 19.25
N ARG B 126 1.74 0.22 18.63
CA ARG B 126 2.98 -0.29 19.23
C ARG B 126 4.02 0.81 19.48
N LEU B 127 4.04 1.81 18.61
CA LEU B 127 4.97 2.94 18.76
C LEU B 127 4.43 4.09 19.64
N GLY B 128 3.18 4.03 20.07
CA GLY B 128 2.61 5.12 20.87
C GLY B 128 2.28 6.35 20.03
N ILE B 129 2.16 6.15 18.73
CA ILE B 129 1.77 7.19 17.79
C ILE B 129 0.29 7.48 18.00
N PRO B 130 -0.11 8.76 17.87
CA PRO B 130 -1.49 9.13 18.16
C PRO B 130 -2.54 8.52 17.22
N THR B 131 -3.75 8.34 17.74
CA THR B 131 -4.80 7.71 16.99
C THR B 131 -5.35 8.60 15.89
N HIS B 132 -4.98 9.88 15.90
CA HIS B 132 -5.36 10.76 14.81
C HIS B 132 -4.33 10.79 13.68
N ALA B 133 -3.31 9.93 13.78
CA ALA B 133 -2.39 9.73 12.67
C ALA B 133 -3.04 8.82 11.62
N GLY B 134 -2.70 9.09 10.36
CA GLY B 134 -3.03 8.18 9.28
C GLY B 134 -2.06 7.01 9.31
N ALA B 135 -2.48 5.87 8.76
CA ALA B 135 -1.58 4.72 8.65
C ALA B 135 -2.05 3.78 7.53
N LEU B 136 -1.09 3.32 6.75
CA LEU B 136 -1.36 2.34 5.70
C LEU B 136 -0.08 1.63 5.29
N ASP B 137 -0.24 0.46 4.69
CA ASP B 137 0.88 -0.30 4.14
C ASP B 137 0.92 -0.07 2.64
N VAL B 138 2.13 -0.03 2.10
CA VAL B 138 2.33 0.02 0.67
C VAL B 138 3.14 -1.22 0.27
N ASN B 139 2.65 -1.95 -0.73
CA ASN B 139 3.39 -3.07 -1.31
C ASN B 139 4.21 -2.61 -2.52
N LEU B 140 5.49 -2.40 -2.31
CA LEU B 140 6.47 -2.22 -3.39
C LEU B 140 7.76 -2.85 -2.88
N GLY B 141 8.74 -3.04 -3.77
CA GLY B 141 10.03 -3.59 -3.38
C GLY B 141 11.12 -2.53 -3.41
N CYS B 142 12.11 -2.77 -4.27
CA CYS B 142 13.31 -1.95 -4.34
C CYS B 142 13.07 -0.55 -4.87
N SER B 143 11.89 -0.29 -5.44
CA SER B 143 11.47 1.05 -5.83
C SER B 143 10.74 1.79 -4.70
N GLY B 144 10.50 1.10 -3.59
CA GLY B 144 9.49 1.53 -2.62
C GLY B 144 9.80 2.80 -1.84
N TYR B 145 11.08 3.05 -1.59
CA TYR B 145 11.48 4.26 -0.86
C TYR B 145 11.18 5.54 -1.64
N VAL B 146 11.56 5.56 -2.91
CA VAL B 146 11.29 6.74 -3.73
C VAL B 146 9.79 6.96 -3.88
N TYR B 147 9.04 5.89 -4.17
CA TYR B 147 7.58 5.99 -4.19
C TYR B 147 7.03 6.48 -2.84
N GLY B 148 7.54 5.93 -1.74
CA GLY B 148 7.14 6.36 -0.39
C GLY B 148 7.39 7.85 -0.20
N LEU B 149 8.52 8.32 -0.69
CA LEU B 149 8.84 9.73 -0.59
C LEU B 149 7.83 10.57 -1.34
N SER B 150 7.40 10.13 -2.53
CA SER B 150 6.42 10.89 -3.31
C SER B 150 5.07 10.95 -2.59
N LEU B 151 4.65 9.85 -1.96
CA LEU B 151 3.41 9.86 -1.17
C LEU B 151 3.52 10.78 0.05
N ALA B 152 4.62 10.68 0.78
CA ALA B 152 4.85 11.48 1.98
C ALA B 152 4.84 12.95 1.64
N LYS B 153 5.58 13.31 0.58
CA LYS B 153 5.62 14.69 0.08
C LYS B 153 4.24 15.18 -0.31
N GLY B 154 3.48 14.33 -1.02
CA GLY B 154 2.12 14.69 -1.40
C GLY B 154 1.26 14.99 -0.17
N LEU B 155 1.40 14.15 0.86
CA LEU B 155 0.64 14.34 2.08
C LEU B 155 1.04 15.64 2.79
N VAL B 156 2.35 15.90 2.90
CA VAL B 156 2.84 17.09 3.61
C VAL B 156 2.50 18.37 2.88
N GLU B 157 2.66 18.36 1.55
CA GLU B 157 2.50 19.59 0.78
C GLU B 157 1.05 19.91 0.45
N THR B 158 0.13 18.98 0.75
CA THR B 158 -1.30 19.24 0.66
C THR B 158 -1.93 19.48 2.03
N GLY B 159 -1.11 19.57 3.08
CA GLY B 159 -1.61 19.81 4.43
C GLY B 159 -2.34 18.65 5.08
N ALA B 160 -2.22 17.45 4.51
CA ALA B 160 -2.85 16.27 5.08
C ALA B 160 -2.03 15.71 6.24
N ALA B 161 -0.74 16.06 6.27
CA ALA B 161 0.16 15.65 7.34
C ALA B 161 1.27 16.68 7.48
N ARG B 162 1.80 16.82 8.69
CA ARG B 162 2.98 17.65 8.92
C ARG B 162 4.22 16.79 9.14
N CYS B 163 4.00 15.51 9.45
CA CYS B 163 5.09 14.62 9.77
C CYS B 163 4.73 13.20 9.39
N VAL B 164 5.19 12.80 8.22
CA VAL B 164 4.97 11.45 7.74
C VAL B 164 6.14 10.58 8.16
N LEU B 165 5.83 9.49 8.84
CA LEU B 165 6.84 8.49 9.19
C LEU B 165 6.84 7.45 8.07
N LEU B 166 7.83 7.52 7.19
CA LEU B 166 7.95 6.54 6.13
C LEU B 166 8.80 5.37 6.63
N LEU B 167 8.19 4.20 6.70
CA LEU B 167 8.88 2.99 7.12
C LEU B 167 9.05 2.04 5.95
N THR B 168 10.24 1.46 5.86
CA THR B 168 10.50 0.39 4.92
C THR B 168 10.95 -0.80 5.73
N ALA B 169 10.48 -2.00 5.37
CA ALA B 169 10.94 -3.20 6.05
C ALA B 169 10.70 -4.39 5.16
N ASP B 170 11.69 -5.28 5.10
CA ASP B 170 11.54 -6.51 4.35
C ASP B 170 12.20 -7.68 5.04
N THR B 171 11.62 -8.85 4.83
CA THR B 171 12.20 -10.10 5.27
C THR B 171 12.14 -11.09 4.11
N TYR B 172 12.83 -10.74 3.03
CA TYR B 172 12.92 -11.62 1.87
C TYR B 172 13.44 -13.00 2.26
N SER B 173 14.28 -13.05 3.29
CA SER B 173 14.81 -14.33 3.78
C SER B 173 13.72 -15.38 4.04
N LYS B 174 12.52 -14.95 4.42
CA LYS B 174 11.45 -15.89 4.76
C LYS B 174 10.84 -16.62 3.57
N TYR B 175 11.12 -16.19 2.34
CA TYR B 175 10.67 -16.96 1.18
C TYR B 175 11.77 -17.27 0.16
N LEU B 176 13.02 -17.25 0.59
CA LEU B 176 14.11 -17.75 -0.25
C LEU B 176 14.23 -19.26 -0.02
N HIS B 177 14.23 -20.03 -1.11
CA HIS B 177 14.48 -21.47 -0.98
C HIS B 177 15.92 -21.67 -0.51
N PRO B 178 16.14 -22.57 0.48
CA PRO B 178 17.48 -22.80 1.03
C PRO B 178 18.56 -23.14 0.01
N LEU B 179 18.16 -23.72 -1.12
CA LEU B 179 19.08 -24.09 -2.19
C LEU B 179 18.97 -23.17 -3.40
N ASP B 180 18.55 -21.92 -3.17
CA ASP B 180 18.53 -20.91 -4.22
C ASP B 180 19.66 -19.94 -3.96
N LYS B 181 20.86 -20.33 -4.42
CA LYS B 181 22.11 -19.59 -4.19
C LYS B 181 22.05 -18.17 -4.73
N SER B 182 21.45 -18.02 -5.91
CA SER B 182 21.32 -16.75 -6.60
C SER B 182 20.67 -15.64 -5.76
N VAL B 183 19.71 -16.02 -4.91
CA VAL B 183 19.00 -15.04 -4.09
C VAL B 183 19.55 -14.96 -2.66
N ARG B 184 20.01 -16.09 -2.12
CA ARG B 184 20.59 -16.07 -0.77
C ARG B 184 21.93 -15.33 -0.70
N THR B 185 22.66 -15.27 -1.82
CA THR B 185 23.87 -14.44 -1.84
C THR B 185 23.53 -12.95 -1.86
N LEU B 186 22.33 -12.60 -2.33
CA LEU B 186 21.96 -11.19 -2.50
C LEU B 186 21.22 -10.56 -1.31
N PHE B 187 20.15 -11.22 -0.87
CA PHE B 187 19.16 -10.55 -0.04
C PHE B 187 19.45 -10.59 1.45
N GLY B 188 19.30 -9.44 2.08
CA GLY B 188 19.34 -9.29 3.52
C GLY B 188 18.02 -8.74 3.99
N ASP B 189 17.71 -8.95 5.26
CA ASP B 189 16.52 -8.37 5.87
C ASP B 189 16.90 -7.03 6.50
N GLY B 190 15.92 -6.16 6.67
CA GLY B 190 16.19 -4.86 7.27
C GLY B 190 15.01 -3.92 7.21
N ALA B 191 15.16 -2.79 7.89
CA ALA B 191 14.13 -1.79 7.95
C ALA B 191 14.74 -0.40 8.15
N SER B 192 13.97 0.63 7.84
CA SER B 192 14.39 1.98 8.10
C SER B 192 13.18 2.80 8.47
N ALA B 193 13.43 3.94 9.10
CA ALA B 193 12.37 4.88 9.44
C ALA B 193 12.86 6.24 9.01
N THR B 194 12.06 6.93 8.21
CA THR B 194 12.38 8.26 7.74
C THR B 194 11.24 9.20 8.14
N ALA B 195 11.57 10.38 8.66
CA ALA B 195 10.57 11.40 8.89
C ALA B 195 10.61 12.40 7.75
N VAL B 196 9.46 12.59 7.12
CA VAL B 196 9.29 13.60 6.09
C VAL B 196 8.38 14.65 6.71
N ILE B 197 8.87 15.87 6.85
CA ILE B 197 8.15 16.90 7.61
C ILE B 197 7.96 18.20 6.82
N ALA B 198 6.94 18.96 7.22
CA ALA B 198 6.69 20.25 6.63
C ALA B 198 7.80 21.20 7.07
N GLU B 199 8.54 21.71 6.08
CA GLU B 199 9.58 22.69 6.32
C GLU B 199 9.20 23.92 5.50
N HIS B 200 9.86 25.03 5.75
CA HIS B 200 9.61 26.22 4.96
C HIS B 200 10.91 26.68 4.35
N GLY B 201 10.83 27.21 3.13
CA GLY B 201 12.02 27.59 2.39
C GLY B 201 11.73 27.85 0.93
N GLU B 202 12.77 28.27 0.22
CA GLU B 202 12.67 28.64 -1.19
C GLU B 202 12.98 27.47 -2.14
N LEU B 203 13.74 26.48 -1.66
CA LEU B 203 14.16 25.35 -2.49
C LEU B 203 13.20 24.17 -2.30
N GLU B 204 12.99 23.42 -3.39
CA GLU B 204 12.26 22.15 -3.33
C GLU B 204 13.20 21.16 -2.66
N ARG B 205 12.80 20.61 -1.52
CA ARG B 205 13.69 19.74 -0.75
C ARG B 205 13.58 18.27 -1.17
N ILE B 206 12.41 17.91 -1.70
CA ILE B 206 12.14 16.57 -2.19
C ILE B 206 11.42 16.71 -3.53
N GLY B 207 11.98 16.14 -4.58
CA GLY B 207 11.39 16.19 -5.91
C GLY B 207 12.18 17.08 -6.86
N PRO B 208 11.81 17.04 -8.15
CA PRO B 208 10.69 16.29 -8.70
C PRO B 208 10.95 14.78 -8.81
N PHE B 209 9.96 14.06 -9.30
CA PHE B 209 10.00 12.62 -9.40
C PHE B 209 9.83 12.16 -10.83
N VAL B 210 10.43 11.02 -11.14
CA VAL B 210 10.00 10.23 -12.29
C VAL B 210 9.64 8.86 -11.80
N PHE B 211 8.59 8.30 -12.37
CA PHE B 211 8.11 6.99 -11.99
C PHE B 211 8.20 6.02 -13.15
N GLY B 212 8.20 4.75 -12.80
CA GLY B 212 8.11 3.71 -13.78
C GLY B 212 7.40 2.50 -13.24
N THR B 213 6.61 1.88 -14.10
CA THR B 213 5.92 0.65 -13.79
C THR B 213 5.85 -0.16 -15.07
N ASP B 214 6.29 -1.41 -15.02
CA ASP B 214 6.12 -2.31 -16.17
C ASP B 214 5.82 -3.72 -15.68
N GLY B 215 4.52 -4.03 -15.61
CA GLY B 215 4.04 -5.34 -15.16
C GLY B 215 4.46 -6.56 -15.96
N ARG B 216 5.04 -6.37 -17.15
CA ARG B 216 5.62 -7.47 -17.93
C ARG B 216 6.76 -8.12 -17.18
N GLY B 217 7.42 -7.35 -16.31
CA GLY B 217 8.49 -7.87 -15.46
C GLY B 217 8.06 -8.74 -14.30
N ALA B 218 6.74 -8.84 -14.05
CA ALA B 218 6.21 -9.62 -12.93
C ALA B 218 6.84 -11.01 -12.81
N PRO B 219 6.84 -11.80 -13.90
CA PRO B 219 7.36 -13.18 -13.82
C PRO B 219 8.85 -13.30 -13.50
N ASN B 220 9.61 -12.20 -13.64
CA ASN B 220 11.05 -12.22 -13.39
C ASN B 220 11.44 -11.97 -11.93
N LEU B 221 10.48 -11.61 -11.09
CA LEU B 221 10.73 -11.43 -9.65
C LEU B 221 9.37 -11.55 -8.93
N ILE B 222 9.14 -12.71 -8.33
CA ILE B 222 7.80 -13.11 -7.95
C ILE B 222 7.81 -14.24 -6.93
N VAL B 223 6.88 -14.14 -5.98
CA VAL B 223 6.50 -15.26 -5.15
C VAL B 223 5.11 -15.60 -5.66
N LYS B 224 5.02 -16.67 -6.46
CA LYS B 224 3.81 -16.98 -7.22
C LYS B 224 2.66 -17.47 -6.36
N ALA B 225 2.96 -18.26 -5.33
CA ALA B 225 1.92 -18.91 -4.54
C ALA B 225 1.82 -18.33 -3.13
N GLY B 226 0.63 -18.44 -2.56
CA GLY B 226 0.43 -18.14 -1.15
C GLY B 226 -0.54 -17.01 -0.86
N LEU B 227 -0.95 -16.29 -1.90
CA LEU B 227 -2.04 -15.31 -1.79
C LEU B 227 -3.16 -15.72 -2.76
N PHE B 228 -3.75 -14.78 -3.49
CA PHE B 228 -5.04 -15.06 -4.08
C PHE B 228 -5.03 -15.41 -5.56
N ARG B 229 -3.97 -15.06 -6.28
CA ARG B 229 -3.84 -15.57 -7.64
C ARG B 229 -3.64 -17.09 -7.62
N GLU B 230 -2.70 -17.55 -6.79
CA GLU B 230 -2.43 -18.98 -6.63
C GLU B 230 -2.31 -19.36 -5.15
N PRO B 231 -3.41 -19.83 -4.53
CA PRO B 231 -3.30 -20.38 -3.18
C PRO B 231 -2.38 -21.59 -3.13
N LYS B 232 -1.81 -21.88 -1.97
CA LYS B 232 -0.91 -23.01 -1.81
C LYS B 232 -1.64 -24.32 -2.11
N SER B 233 -0.93 -25.23 -2.77
CA SER B 233 -1.47 -26.54 -3.13
C SER B 233 -0.35 -27.58 -3.07
N ALA B 234 -0.65 -28.81 -3.50
CA ALA B 234 0.38 -29.84 -3.63
C ALA B 234 1.40 -29.43 -4.69
N ASP B 235 0.91 -28.88 -5.79
CA ASP B 235 1.77 -28.45 -6.89
C ASP B 235 2.68 -27.28 -6.52
N SER B 236 2.13 -26.29 -5.80
CA SER B 236 2.89 -25.08 -5.48
C SER B 236 4.06 -25.37 -4.55
N ALA B 237 3.97 -26.45 -3.79
CA ALA B 237 5.04 -26.87 -2.88
C ALA B 237 6.08 -27.75 -3.58
N ARG B 238 5.86 -28.07 -4.85
CA ARG B 238 6.71 -29.01 -5.56
C ARG B 238 8.05 -28.37 -5.95
N GLU B 239 9.14 -28.96 -5.47
CA GLU B 239 10.48 -28.46 -5.80
C GLU B 239 10.84 -28.69 -7.27
N HIS B 240 11.75 -27.87 -7.78
CA HIS B 240 12.19 -27.95 -9.17
C HIS B 240 13.56 -27.27 -9.31
N GLU B 241 14.53 -28.02 -9.82
CA GLU B 241 15.92 -27.53 -9.96
C GLU B 241 16.13 -26.94 -11.35
N ASP B 242 16.76 -25.76 -11.42
CA ASP B 242 16.97 -25.07 -12.70
C ASP B 242 18.27 -25.51 -13.38
N ALA B 243 18.71 -24.76 -14.38
CA ALA B 243 19.97 -25.05 -15.09
C ALA B 243 21.21 -24.87 -14.19
N SER B 244 21.18 -23.86 -13.32
CA SER B 244 22.34 -23.51 -12.48
C SER B 244 22.38 -24.24 -11.14
N GLY B 245 21.54 -25.27 -10.97
CA GLY B 245 21.51 -26.04 -9.73
C GLY B 245 20.66 -25.44 -8.63
N ASN B 246 20.00 -24.32 -8.90
CA ASN B 246 19.14 -23.67 -7.91
C ASN B 246 17.78 -24.36 -7.80
N VAL B 247 17.45 -24.81 -6.59
CA VAL B 247 16.15 -25.44 -6.31
C VAL B 247 15.15 -24.40 -5.79
N ARG B 248 13.89 -24.58 -6.17
CA ARG B 248 12.82 -23.62 -5.84
C ARG B 248 11.44 -24.26 -5.83
N THR B 249 10.45 -23.50 -5.37
CA THR B 249 9.04 -23.82 -5.55
C THR B 249 8.27 -22.55 -5.93
N ASP B 250 7.00 -22.71 -6.28
CA ASP B 250 6.12 -21.56 -6.52
C ASP B 250 5.86 -20.75 -5.24
N GLU B 251 6.15 -21.34 -4.08
CA GLU B 251 5.96 -20.69 -2.78
C GLU B 251 7.15 -19.84 -2.36
N HIS B 252 8.27 -20.02 -3.05
CA HIS B 252 9.48 -19.23 -2.79
C HIS B 252 9.67 -18.17 -3.85
N LEU B 253 10.53 -17.22 -3.55
CA LEU B 253 10.91 -16.17 -4.49
C LEU B 253 11.57 -16.78 -5.73
N TYR B 254 11.14 -16.34 -6.89
CA TYR B 254 11.86 -16.59 -8.13
C TYR B 254 12.37 -15.27 -8.65
N MET B 255 13.70 -15.20 -8.83
CA MET B 255 14.33 -14.06 -9.47
C MET B 255 15.06 -14.50 -10.74
N ASN B 256 14.71 -13.87 -11.86
CA ASN B 256 15.47 -14.05 -13.09
C ASN B 256 16.47 -12.92 -13.14
N GLY B 257 17.65 -13.19 -12.58
CA GLY B 257 18.72 -12.20 -12.45
C GLY B 257 19.08 -11.53 -13.77
N ALA B 258 19.20 -12.34 -14.82
CA ALA B 258 19.56 -11.82 -16.15
C ALA B 258 18.51 -10.82 -16.64
N GLU B 259 17.24 -11.16 -16.48
CA GLU B 259 16.15 -10.29 -16.88
C GLU B 259 16.11 -8.99 -16.06
N VAL B 260 16.28 -9.12 -14.75
CA VAL B 260 16.23 -7.97 -13.86
C VAL B 260 17.38 -7.02 -14.19
N MET B 261 18.56 -7.58 -14.44
CA MET B 261 19.72 -6.77 -14.82
C MET B 261 19.48 -6.05 -16.14
N ALA B 262 18.93 -6.77 -17.12
CA ALA B 262 18.59 -6.18 -18.41
C ALA B 262 17.61 -5.03 -18.23
N PHE B 263 16.58 -5.27 -17.42
CA PHE B 263 15.60 -4.22 -17.11
C PHE B 263 16.29 -3.02 -16.47
N SER B 264 17.14 -3.27 -15.48
CA SER B 264 17.81 -2.21 -14.74
C SER B 264 18.67 -1.32 -15.63
N LEU B 265 19.45 -1.94 -16.53
CA LEU B 265 20.35 -1.22 -17.42
C LEU B 265 19.57 -0.43 -18.44
N ALA B 266 18.45 -0.97 -18.88
CA ALA B 266 17.57 -0.30 -19.82
C ALA B 266 16.81 0.88 -19.20
N GLU B 267 16.32 0.73 -17.98
CA GLU B 267 15.40 1.74 -17.42
C GLU B 267 16.02 2.80 -16.51
N VAL B 268 17.04 2.45 -15.73
CA VAL B 268 17.58 3.36 -14.72
C VAL B 268 18.32 4.59 -15.30
N PRO B 269 19.31 4.38 -16.21
CA PRO B 269 19.97 5.52 -16.84
C PRO B 269 18.98 6.44 -17.55
N ARG B 270 18.02 5.83 -18.22
CA ARG B 270 16.90 6.48 -18.89
C ARG B 270 16.11 7.36 -17.92
N ALA B 271 15.78 6.81 -16.76
CA ALA B 271 15.02 7.53 -15.75
C ALA B 271 15.86 8.67 -15.18
N ALA B 272 17.14 8.41 -14.92
CA ALA B 272 18.05 9.47 -14.46
C ALA B 272 18.11 10.65 -15.44
N ASP B 273 18.26 10.37 -16.74
CA ASP B 273 18.29 11.43 -17.76
C ASP B 273 16.96 12.18 -17.82
N ARG B 274 15.86 11.43 -17.76
CA ARG B 274 14.52 12.01 -17.81
C ARG B 274 14.26 12.89 -16.60
N LEU B 275 14.73 12.45 -15.44
CA LEU B 275 14.55 13.21 -14.20
C LEU B 275 15.30 14.54 -14.23
N LEU B 276 16.53 14.50 -14.73
CA LEU B 276 17.31 15.72 -14.92
C LEU B 276 16.62 16.69 -15.88
N ALA B 277 16.08 16.16 -16.98
CA ALA B 277 15.36 17.01 -17.93
C ALA B 277 14.11 17.59 -17.28
N LEU B 278 13.38 16.76 -16.54
CA LEU B 278 12.19 17.23 -15.85
C LEU B 278 12.53 18.39 -14.92
N ALA B 279 13.66 18.28 -14.22
CA ALA B 279 14.05 19.27 -13.21
C ALA B 279 14.76 20.50 -13.79
N GLY B 280 15.13 20.43 -15.06
CA GLY B 280 15.93 21.48 -15.69
C GLY B 280 17.30 21.59 -15.04
N GLU B 281 17.87 20.44 -14.68
CA GLU B 281 19.09 20.41 -13.89
C GLU B 281 20.20 19.69 -14.67
N PRO B 282 21.37 20.34 -14.83
CA PRO B 282 22.48 19.64 -15.45
C PRO B 282 23.00 18.55 -14.54
N ARG B 283 23.49 17.46 -15.11
CA ARG B 283 23.94 16.33 -14.30
C ARG B 283 25.14 16.68 -13.42
N GLU B 284 25.88 17.72 -13.80
CA GLU B 284 26.99 18.22 -12.98
C GLU B 284 26.54 18.76 -11.63
N ASN B 285 25.31 19.30 -11.57
CA ASN B 285 24.74 19.82 -10.32
C ASN B 285 24.34 18.74 -9.29
N ILE B 286 24.39 17.47 -9.67
CA ILE B 286 24.08 16.39 -8.72
C ILE B 286 25.33 15.98 -7.95
N ASP B 287 25.28 16.07 -6.62
CA ASP B 287 26.44 15.73 -5.79
C ASP B 287 26.56 14.23 -5.57
N CYS B 288 25.43 13.53 -5.52
CA CYS B 288 25.42 12.11 -5.30
CA CYS B 288 25.40 12.10 -5.27
C CYS B 288 24.27 11.43 -6.02
N PHE B 289 24.57 10.37 -6.74
CA PHE B 289 23.58 9.51 -7.31
C PHE B 289 23.51 8.31 -6.37
N VAL B 290 22.43 8.22 -5.60
CA VAL B 290 22.24 7.13 -4.67
C VAL B 290 21.25 6.15 -5.29
N LEU B 291 21.77 4.98 -5.65
CA LEU B 291 20.95 3.95 -6.27
C LEU B 291 20.59 2.88 -5.27
N HIS B 292 19.42 2.29 -5.49
CA HIS B 292 19.08 1.04 -4.84
C HIS B 292 20.28 0.10 -4.94
N GLN B 293 20.68 -0.44 -3.80
CA GLN B 293 21.94 -1.16 -3.67
C GLN B 293 21.72 -2.64 -3.98
N ALA B 294 21.50 -2.93 -5.26
CA ALA B 294 21.14 -4.29 -5.70
C ALA B 294 22.28 -5.27 -5.43
N ASN B 295 23.50 -4.85 -5.75
CA ASN B 295 24.73 -5.62 -5.57
C ASN B 295 25.85 -4.91 -6.37
N ARG B 296 27.10 -5.23 -6.08
CA ARG B 296 28.23 -4.50 -6.66
C ARG B 296 28.34 -4.66 -8.18
N PHE B 297 27.96 -5.82 -8.71
CA PHE B 297 27.99 -6.06 -10.16
C PHE B 297 26.97 -5.19 -10.87
N MET B 298 25.73 -5.16 -10.37
CA MET B 298 24.68 -4.33 -10.95
C MET B 298 25.05 -2.85 -10.90
N LEU B 299 25.51 -2.40 -9.74
CA LEU B 299 25.85 -1.01 -9.53
C LEU B 299 27.03 -0.54 -10.40
N ASP B 300 28.08 -1.33 -10.49
CA ASP B 300 29.21 -1.04 -11.40
C ASP B 300 28.72 -0.89 -12.83
N ALA B 301 27.89 -1.82 -13.27
CA ALA B 301 27.35 -1.81 -14.62
C ALA B 301 26.49 -0.57 -14.88
N LEU B 302 25.71 -0.16 -13.87
CA LEU B 302 24.90 1.06 -13.97
C LEU B 302 25.78 2.31 -13.94
N ARG B 303 26.76 2.33 -13.04
CA ARG B 303 27.65 3.48 -12.94
C ARG B 303 28.39 3.73 -14.25
N LYS B 304 28.91 2.66 -14.85
CA LYS B 304 29.64 2.74 -16.11
C LYS B 304 28.74 3.29 -17.22
N LYS B 305 27.58 2.66 -17.41
CA LYS B 305 26.65 3.12 -18.44
C LYS B 305 26.15 4.55 -18.21
N MET B 306 26.09 4.98 -16.95
CA MET B 306 25.62 6.34 -16.62
C MET B 306 26.74 7.38 -16.61
N LYS B 307 27.98 6.91 -16.74
CA LYS B 307 29.15 7.80 -16.79
C LYS B 307 29.26 8.64 -15.52
N ILE B 308 28.92 8.06 -14.38
CA ILE B 308 29.00 8.77 -13.11
C ILE B 308 30.31 8.42 -12.42
N PRO B 309 31.07 9.43 -11.97
CA PRO B 309 32.29 9.11 -11.23
C PRO B 309 32.01 8.39 -9.91
N GLU B 310 32.90 7.47 -9.55
CA GLU B 310 32.76 6.65 -8.34
C GLU B 310 32.58 7.46 -7.05
N HIS B 311 33.14 8.67 -7.00
CA HIS B 311 33.00 9.49 -5.79
C HIS B 311 31.59 10.08 -5.64
N LYS B 312 30.80 10.05 -6.71
CA LYS B 312 29.39 10.47 -6.66
C LYS B 312 28.41 9.29 -6.61
N PHE B 313 28.92 8.08 -6.33
CA PHE B 313 28.17 6.85 -6.55
C PHE B 313 28.48 5.84 -5.43
N PRO B 314 27.83 6.03 -4.26
CA PRO B 314 28.06 5.13 -3.13
C PRO B 314 27.66 3.68 -3.40
N VAL B 315 28.53 2.75 -2.95
CA VAL B 315 28.23 1.33 -2.93
C VAL B 315 28.46 0.89 -1.50
N LEU B 316 27.37 0.71 -0.75
CA LEU B 316 27.43 0.65 0.70
C LEU B 316 26.74 -0.56 1.32
N MET B 317 26.52 -1.62 0.54
CA MET B 317 25.77 -2.77 1.04
C MET B 317 26.65 -3.99 1.37
N GLU B 318 27.97 -3.78 1.49
CA GLU B 318 28.91 -4.87 1.81
C GLU B 318 28.48 -5.73 3.01
N HIS B 319 28.03 -5.07 4.08
CA HIS B 319 27.75 -5.75 5.35
C HIS B 319 26.26 -6.02 5.65
N CYS B 320 25.37 -5.61 4.75
CA CYS B 320 23.93 -5.87 4.90
C CYS B 320 23.26 -6.51 3.68
N GLY B 321 23.90 -6.43 2.53
CA GLY B 321 23.31 -7.01 1.32
C GLY B 321 22.16 -6.18 0.80
N ASN B 322 21.38 -6.78 -0.10
CA ASN B 322 20.23 -6.12 -0.71
C ASN B 322 19.03 -6.21 0.22
N THR B 323 18.69 -5.07 0.85
CA THR B 323 17.60 -5.00 1.82
C THR B 323 16.27 -4.53 1.20
N VAL B 324 16.15 -4.66 -0.12
CA VAL B 324 14.92 -4.35 -0.85
C VAL B 324 14.54 -2.86 -0.65
N SER B 325 13.42 -2.54 -0.03
CA SER B 325 12.96 -1.13 0.00
C SER B 325 13.84 -0.26 0.87
N SER B 326 14.58 -0.88 1.80
CA SER B 326 15.44 -0.19 2.73
C SER B 326 16.84 0.15 2.20
N THR B 327 17.17 -0.22 0.98
CA THR B 327 18.55 -0.03 0.51
C THR B 327 18.94 1.44 0.51
N LEU B 328 18.05 2.28 -0.01
CA LEU B 328 18.31 3.71 -0.09
C LEU B 328 18.44 4.38 1.26
N PRO B 329 17.43 4.22 2.16
CA PRO B 329 17.57 4.89 3.45
C PRO B 329 18.73 4.37 4.29
N LEU B 330 19.04 3.07 4.21
CA LEU B 330 20.23 2.55 4.89
C LEU B 330 21.51 3.17 4.33
N ALA B 331 21.57 3.29 3.01
CA ALA B 331 22.71 3.94 2.34
C ALA B 331 22.83 5.38 2.80
N LEU B 332 21.72 6.12 2.77
CA LEU B 332 21.71 7.53 3.20
C LEU B 332 22.17 7.68 4.66
N GLU B 333 21.70 6.78 5.52
CA GLU B 333 22.09 6.77 6.93
C GLU B 333 23.58 6.60 7.09
N THR B 334 24.14 5.62 6.38
CA THR B 334 25.58 5.36 6.39
C THR B 334 26.36 6.60 5.93
N MET B 335 25.90 7.22 4.84
CA MET B 335 26.55 8.42 4.31
C MET B 335 26.58 9.56 5.33
N ARG B 336 25.51 9.72 6.09
CA ARG B 336 25.49 10.76 7.13
C ARG B 336 26.52 10.44 8.21
N ALA B 337 26.51 9.18 8.65
CA ALA B 337 27.43 8.72 9.69
C ALA B 337 28.89 8.83 9.26
N ASN B 338 29.20 8.52 8.00
CA ASN B 338 30.59 8.56 7.53
C ASN B 338 31.01 9.93 6.99
N GLY B 339 30.12 10.90 7.06
CA GLY B 339 30.44 12.29 6.72
C GLY B 339 30.27 12.67 5.25
N THR B 340 29.82 11.72 4.42
CA THR B 340 29.69 11.98 2.98
C THR B 340 28.34 12.61 2.59
N LEU B 341 27.38 12.65 3.50
CA LEU B 341 26.10 13.31 3.25
C LEU B 341 25.85 14.42 4.27
N ALA B 342 25.62 15.63 3.78
CA ALA B 342 25.35 16.80 4.61
C ALA B 342 24.22 17.62 4.00
N ARG B 343 23.60 18.47 4.83
CA ARG B 343 22.50 19.32 4.35
C ARG B 343 22.93 20.18 3.19
N GLY B 344 22.02 20.40 2.25
CA GLY B 344 22.31 21.21 1.06
C GLY B 344 22.90 20.41 -0.10
N MET B 345 23.34 19.18 0.15
CA MET B 345 23.81 18.32 -0.92
C MET B 345 22.65 17.93 -1.84
N ARG B 346 22.92 17.91 -3.14
CA ARG B 346 21.91 17.65 -4.16
C ARG B 346 22.03 16.19 -4.56
N LEU B 347 20.99 15.42 -4.27
CA LEU B 347 21.02 13.99 -4.50
C LEU B 347 20.06 13.60 -5.60
N MET B 348 20.39 12.50 -6.28
CA MET B 348 19.40 11.76 -7.04
C MET B 348 19.25 10.42 -6.38
N LEU B 349 18.01 10.08 -6.00
CA LEU B 349 17.71 8.76 -5.47
C LEU B 349 17.06 7.96 -6.60
N LEU B 350 17.49 6.72 -6.78
CA LEU B 350 16.91 5.86 -7.81
C LEU B 350 16.61 4.49 -7.24
N GLY B 351 15.34 4.09 -7.33
CA GLY B 351 14.89 2.79 -6.86
C GLY B 351 14.30 2.01 -8.02
N PHE B 352 14.57 0.72 -8.07
CA PHE B 352 14.23 -0.10 -9.23
C PHE B 352 14.26 -1.57 -8.88
N GLY B 353 13.24 -2.30 -9.32
CA GLY B 353 13.18 -3.73 -9.09
C GLY B 353 11.79 -4.32 -9.32
N VAL B 354 11.41 -5.23 -8.44
CA VAL B 354 10.20 -6.05 -8.57
C VAL B 354 8.98 -5.24 -8.98
N GLY B 355 8.24 -5.78 -9.96
CA GLY B 355 7.05 -5.15 -10.51
C GLY B 355 6.81 -5.53 -11.97
N TYR B 356 7.67 -5.07 -12.88
CA TYR B 356 8.76 -4.15 -12.56
C TYR B 356 8.23 -2.80 -12.09
N SER B 357 9.02 -2.15 -11.24
CA SER B 357 8.71 -0.84 -10.71
C SER B 357 9.99 -0.06 -10.52
N TRP B 358 9.97 1.21 -10.91
CA TRP B 358 11.13 2.06 -10.65
C TRP B 358 10.73 3.51 -10.44
N ALA B 359 11.63 4.25 -9.80
CA ALA B 359 11.35 5.63 -9.49
C ALA B 359 12.63 6.35 -9.18
N GLY B 360 12.66 7.63 -9.52
CA GLY B 360 13.79 8.48 -9.14
C GLY B 360 13.28 9.81 -8.64
N CYS B 361 14.06 10.45 -7.79
CA CYS B 361 13.75 11.81 -7.39
C CYS B 361 15.00 12.57 -7.06
N LEU B 362 14.90 13.89 -7.13
CA LEU B 362 15.96 14.74 -6.67
C LEU B 362 15.65 15.06 -5.22
N VAL B 363 16.70 15.25 -4.44
CA VAL B 363 16.57 15.69 -3.07
C VAL B 363 17.61 16.77 -2.87
N ASN B 364 17.20 17.83 -2.18
CA ASN B 364 18.12 18.80 -1.63
C ASN B 364 18.09 18.53 -0.14
N PHE B 365 19.12 17.85 0.36
CA PHE B 365 19.01 17.22 1.64
C PHE B 365 18.87 18.24 2.75
#